data_2M7I
#
_entry.id   2M7I
#
_entity_poly.entity_id   1
_entity_poly.type   'polypeptide(L)'
_entity_poly.pdbx_seq_one_letter_code
;TWL(DAB)(ORN)(DLY)RW(ORN)(DAB)AK(DPR)P
;
_entity_poly.pdbx_strand_id   A
#
# COMPACT_ATOMS: atom_id res chain seq x y z
N THR A 1 1.87 7.49 1.67
CA THR A 1 0.83 6.51 1.93
C THR A 1 1.27 5.12 1.46
N TRP A 2 0.35 4.18 1.55
CA TRP A 2 0.63 2.81 1.13
C TRP A 2 -0.67 2.19 0.65
N LEU A 3 -0.57 1.42 -0.42
CA LEU A 3 -1.73 0.76 -0.99
C LEU A 3 -1.82 -0.67 -0.43
N DAB A 4 -2.27 -0.77 0.86
CA DAB A 4 -2.46 -2.04 1.56
C DAB A 4 -3.82 -2.57 1.10
O DAB A 4 -4.80 -1.87 1.31
CB DAB A 4 -2.48 -1.87 3.09
CG DAB A 4 -1.09 -1.88 3.70
ND DAB A 4 -1.20 -1.62 5.16
H DAB A 4 -2.52 0.08 1.38
HA DAB A 4 -1.65 -2.71 1.25
HB2 DAB A 4 -2.99 -0.94 3.35
HB3 DAB A 4 -3.08 -2.68 3.53
HG2 DAB A 4 -0.59 -2.85 3.59
HG3 DAB A 4 -0.45 -1.09 3.30
HD1 DAB A 4 -0.48 -0.95 5.49
HD2 DAB A 4 -1.10 -2.48 5.71
HD3 DAB A 4 -2.12 -1.21 5.38
N ORN A 5 -3.87 -3.82 0.50
CA ORN A 5 -5.13 -4.41 0.08
CB ORN A 5 -5.38 -4.16 -1.41
CG ORN A 5 -6.85 -4.01 -1.77
CD ORN A 5 -7.06 -4.05 -3.28
NE ORN A 5 -6.69 -2.75 -3.87
C ORN A 5 -5.00 -5.92 0.36
O ORN A 5 -4.55 -6.69 -0.49
H ORN A 5 -3.02 -4.36 0.36
HA ORN A 5 -5.94 -3.98 0.68
HB2 ORN A 5 -4.85 -3.25 -1.71
HB3 ORN A 5 -4.94 -4.97 -2.01
HG2 ORN A 5 -7.44 -4.81 -1.29
HG3 ORN A 5 -7.23 -3.06 -1.38
HD2 ORN A 5 -6.41 -4.81 -3.75
HD3 ORN A 5 -8.11 -4.25 -3.55
HE1 ORN A 5 -7.51 -2.22 -4.18
HE2 ORN A 5 -6.05 -2.86 -4.67
HE3 ORN A 5 -6.20 -2.16 -3.17
N DLY A 6 -5.44 -6.30 1.55
CA DLY A 6 -5.41 -7.69 1.95
C DLY A 6 -4.01 -8.05 2.47
O DLY A 6 -3.43 -7.29 3.25
CB DLY A 6 -6.54 -7.99 2.96
CG DLY A 6 -7.58 -8.92 2.35
CD DLY A 6 -8.83 -9.00 3.23
CE DLY A 6 -9.87 -7.96 2.81
NZ DLY A 6 -10.96 -7.89 3.80
H DLY A 6 -5.81 -5.68 2.23
HA DLY A 6 -5.60 -8.30 1.07
HB2 DLY A 6 -7.00 -7.06 3.26
HB3 DLY A 6 -6.11 -8.45 3.85
HG2 DLY A 6 -7.16 -9.92 2.21
HG3 DLY A 6 -7.86 -8.56 1.35
HD2 DLY A 6 -8.55 -8.84 4.27
HD3 DLY A 6 -9.26 -10.00 3.17
HE2 DLY A 6 -10.27 -8.21 1.83
HE3 DLY A 6 -9.39 -6.98 2.72
HZ1 DLY A 6 -10.97 -8.73 4.35
HZ2 DLY A 6 -11.84 -7.80 3.32
HZ3 DLY A 6 -10.83 -7.10 4.40
N ARG A 7 -3.52 -9.17 2.01
CA ARG A 7 -2.20 -9.64 2.42
C ARG A 7 -1.11 -8.99 1.55
N TRP A 8 -1.55 -8.00 0.78
CA TRP A 8 -0.62 -7.30 -0.10
C TRP A 8 -0.49 -5.86 0.41
N ORN A 9 0.43 -5.09 -0.26
CA ORN A 9 0.69 -3.70 0.08
CB ORN A 9 1.10 -3.59 1.56
CG ORN A 9 2.52 -4.10 1.83
CD ORN A 9 2.62 -4.74 3.21
NE ORN A 9 3.34 -6.02 3.10
C ORN A 9 1.82 -3.22 -0.84
O ORN A 9 2.85 -3.85 -0.99
H ORN A 9 0.96 -5.48 -1.05
HA ORN A 9 -0.23 -3.12 -0.10
HB2 ORN A 9 1.05 -2.54 1.88
HB3 ORN A 9 0.40 -4.14 2.19
HG2 ORN A 9 2.81 -4.82 1.06
HG3 ORN A 9 3.23 -3.26 1.76
HD2 ORN A 9 3.17 -4.11 3.91
HD3 ORN A 9 1.63 -4.98 3.61
HE1 ORN A 9 4.05 -6.12 3.85
HE2 ORN A 9 3.83 -6.11 2.20
HE3 ORN A 9 2.70 -6.83 3.17
N DAB A 10 1.57 -2.00 -1.44
CA DAB A 10 2.54 -1.34 -2.32
C DAB A 10 2.73 0.06 -1.74
O DAB A 10 1.85 0.48 -0.99
CB DAB A 10 2.04 -1.23 -3.76
CG DAB A 10 3.11 -1.56 -4.79
ND DAB A 10 2.76 -0.92 -6.09
H DAB A 10 0.69 -1.51 -1.28
HA DAB A 10 3.47 -1.90 -2.28
HB2 DAB A 10 1.18 -1.89 -3.91
HB3 DAB A 10 1.68 -0.21 -3.94
HG2 DAB A 10 4.09 -1.17 -4.50
HG3 DAB A 10 3.17 -2.63 -5.00
HD1 DAB A 10 3.52 -1.01 -6.77
HD2 DAB A 10 2.56 0.08 -5.97
HD3 DAB A 10 1.92 -1.35 -6.50
N ALA A 11 3.79 0.77 -2.10
CA ALA A 11 4.00 2.12 -1.63
C ALA A 11 3.65 3.11 -2.75
N LYS A 12 3.17 4.28 -2.34
CA LYS A 12 2.79 5.31 -3.29
C LYS A 12 2.70 6.65 -2.57
N DPR A 13 3.84 7.39 -2.58
CA DPR A 13 3.89 8.80 -2.08
CB DPR A 13 5.27 9.23 -2.59
CG DPR A 13 6.13 7.96 -2.54
CD DPR A 13 5.16 6.84 -2.95
C DPR A 13 3.66 8.97 -0.53
O DPR A 13 4.53 8.67 0.29
HA DPR A 13 3.14 9.43 -2.60
HB2 DPR A 13 5.72 10.05 -2.00
HB3 DPR A 13 5.20 9.60 -3.63
HG2 DPR A 13 7.03 8.01 -3.19
HG3 DPR A 13 6.49 7.79 -1.51
HD2 DPR A 13 5.39 5.90 -2.42
HD3 DPR A 13 5.23 6.65 -4.04
N PRO A 14 2.47 9.48 -0.15
CA PRO A 14 2.19 9.86 1.26
C PRO A 14 1.90 8.71 2.28
N THR A 1 1.76 7.34 1.68
CA THR A 1 0.73 6.34 1.86
C THR A 1 1.21 4.98 1.34
N TRP A 2 0.30 4.02 1.34
CA TRP A 2 0.62 2.68 0.88
C TRP A 2 -0.67 2.03 0.38
N LEU A 3 -0.52 1.18 -0.62
CA LEU A 3 -1.66 0.48 -1.18
C LEU A 3 -1.87 -0.85 -0.44
N DAB A 4 -2.35 -0.72 0.85
CA DAB A 4 -2.64 -1.85 1.71
C DAB A 4 -3.97 -2.44 1.19
O DAB A 4 -4.98 -1.75 1.33
CB DAB A 4 -2.80 -1.46 3.18
CG DAB A 4 -3.76 -0.29 3.37
ND DAB A 4 -4.96 -0.75 4.11
H DAB A 4 -2.53 0.21 1.23
HA DAB A 4 -1.84 -2.59 1.59
HB2 DAB A 4 -3.16 -2.32 3.76
HB3 DAB A 4 -1.83 -1.20 3.59
HG2 DAB A 4 -3.31 0.52 3.97
HG3 DAB A 4 -4.13 0.11 2.42
HD1 DAB A 4 -5.60 0.02 4.33
HD2 DAB A 4 -4.70 -1.21 5.00
HD3 DAB A 4 -5.48 -1.44 3.56
N ORN A 5 -3.99 -3.70 0.66
CA ORN A 5 -5.21 -4.34 0.21
CB ORN A 5 -5.42 -4.08 -1.29
CG ORN A 5 -6.89 -3.81 -1.67
CD ORN A 5 -6.98 -2.96 -2.93
NE ORN A 5 -6.94 -3.84 -4.12
C ORN A 5 -5.05 -5.84 0.48
O ORN A 5 -4.62 -6.60 -0.39
H ORN A 5 -3.12 -4.24 0.57
HA ORN A 5 -6.04 -3.93 0.79
HB2 ORN A 5 -4.82 -3.22 -1.60
HB3 ORN A 5 -5.05 -4.93 -1.88
HG2 ORN A 5 -7.41 -4.76 -1.83
HG3 ORN A 5 -7.38 -3.30 -0.84
HD2 ORN A 5 -7.91 -2.40 -2.98
HD3 ORN A 5 -6.13 -2.27 -3.01
HE1 ORN A 5 -7.88 -4.04 -4.48
HE2 ORN A 5 -6.48 -4.74 -3.92
HE3 ORN A 5 -6.41 -3.39 -4.88
N DLY A 6 -5.44 -6.22 1.68
CA DLY A 6 -5.37 -7.61 2.09
C DLY A 6 -3.94 -7.95 2.54
O DLY A 6 -3.34 -7.18 3.29
CB DLY A 6 -6.42 -7.93 3.15
CG DLY A 6 -6.90 -9.38 3.04
CD DLY A 6 -7.62 -9.81 4.32
CE DLY A 6 -7.15 -11.21 4.76
NZ DLY A 6 -6.12 -11.09 5.81
H DLY A 6 -5.78 -5.60 2.39
HA DLY A 6 -5.59 -8.22 1.21
HB2 DLY A 6 -7.27 -7.25 3.02
HB3 DLY A 6 -6.02 -7.75 4.14
HG2 DLY A 6 -6.05 -10.03 2.86
HG3 DLY A 6 -7.57 -9.48 2.19
HD2 DLY A 6 -8.69 -9.82 4.16
HD3 DLY A 6 -7.42 -9.10 5.12
HE2 DLY A 6 -6.75 -11.74 3.91
HE3 DLY A 6 -7.99 -11.77 5.14
HZ1 DLY A 6 -5.27 -11.52 5.50
HZ2 DLY A 6 -6.43 -11.56 6.64
HZ3 DLY A 6 -5.95 -10.13 6.02
N ARG A 7 -3.45 -9.07 2.06
CA ARG A 7 -2.10 -9.51 2.41
C ARG A 7 -1.07 -8.85 1.48
N TRP A 8 -1.55 -7.85 0.74
CA TRP A 8 -0.69 -7.13 -0.19
C TRP A 8 -0.49 -5.72 0.35
N ORN A 9 0.53 -5.01 -0.23
CA ORN A 9 0.86 -3.64 0.17
CB ORN A 9 1.39 -3.61 1.60
CG ORN A 9 0.95 -2.37 2.38
CD ORN A 9 0.33 -2.77 3.72
NE ORN A 9 1.38 -3.36 4.59
C ORN A 9 1.92 -3.15 -0.82
O ORN A 9 2.97 -3.75 -1.00
H ORN A 9 1.10 -5.44 -0.97
HA ORN A 9 -0.05 -3.04 0.07
HB2 ORN A 9 1.04 -4.51 2.14
HB3 ORN A 9 2.49 -3.67 1.60
HG2 ORN A 9 1.81 -1.71 2.56
HG3 ORN A 9 0.22 -1.80 1.80
HD2 ORN A 9 -0.07 -1.90 4.26
HD3 ORN A 9 -0.44 -3.53 3.60
HE1 ORN A 9 1.57 -4.34 4.34
HE2 ORN A 9 1.10 -3.34 5.58
HE3 ORN A 9 2.26 -2.85 4.51
N DAB A 10 1.61 -1.97 -1.45
CA DAB A 10 2.51 -1.30 -2.39
C DAB A 10 2.77 0.10 -1.80
O DAB A 10 1.93 0.52 -1.00
CB DAB A 10 1.88 -1.14 -3.78
CG DAB A 10 2.93 -1.02 -4.89
ND DAB A 10 3.63 -2.33 -5.04
H DAB A 10 0.72 -1.50 -1.26
HA DAB A 10 3.44 -1.86 -2.44
HB2 DAB A 10 1.22 -1.99 -4.00
HB3 DAB A 10 1.25 -0.25 -3.81
HG2 DAB A 10 2.48 -0.79 -5.85
HG3 DAB A 10 3.72 -0.30 -4.65
HD1 DAB A 10 4.01 -2.45 -5.99
HD2 DAB A 10 3.00 -3.12 -4.84
HD3 DAB A 10 4.42 -2.39 -4.38
N ALA A 11 3.82 0.78 -2.21
CA ALA A 11 4.10 2.12 -1.71
C ALA A 11 3.75 3.13 -2.81
N LYS A 12 3.26 4.29 -2.36
CA LYS A 12 2.89 5.35 -3.29
C LYS A 12 2.76 6.66 -2.52
N DPR A 13 3.90 7.39 -2.46
CA DPR A 13 3.92 8.79 -1.90
CB DPR A 13 5.34 9.23 -2.33
CG DPR A 13 6.18 7.96 -2.29
CD DPR A 13 5.24 6.86 -2.77
C DPR A 13 3.62 8.89 -0.36
O DPR A 13 4.45 8.56 0.50
HA DPR A 13 3.19 9.43 -2.43
HB2 DPR A 13 5.74 10.04 -1.69
HB3 DPR A 13 5.31 9.64 -3.35
HG2 DPR A 13 7.11 8.04 -2.90
HG3 DPR A 13 6.50 7.75 -1.24
HD2 DPR A 13 5.44 5.89 -2.28
HD3 DPR A 13 5.35 6.71 -3.87
N PRO A 14 2.41 9.39 -0.02
CA PRO A 14 2.08 9.72 1.39
C PRO A 14 1.74 8.54 2.36
N THR A 1 1.94 7.42 1.71
CA THR A 1 0.93 6.42 1.97
C THR A 1 1.36 5.06 1.42
N TRP A 2 0.45 4.11 1.51
CA TRP A 2 0.71 2.77 1.01
C TRP A 2 -0.61 2.15 0.57
N LEU A 3 -0.54 1.39 -0.51
CA LEU A 3 -1.73 0.74 -1.04
C LEU A 3 -1.91 -0.62 -0.37
N DAB A 4 -2.64 -0.60 0.79
CA DAB A 4 -2.95 -1.80 1.56
C DAB A 4 -4.12 -2.47 0.84
O DAB A 4 -5.06 -1.76 0.49
CB DAB A 4 -3.37 -1.47 3.01
CG DAB A 4 -4.03 -2.64 3.71
ND DAB A 4 -3.22 -3.02 4.90
H DAB A 4 -3.02 0.28 1.14
HA DAB A 4 -2.07 -2.44 1.55
HB2 DAB A 4 -2.49 -1.15 3.58
HB3 DAB A 4 -4.07 -0.61 3.00
HG2 DAB A 4 -5.04 -2.41 4.07
HG3 DAB A 4 -4.07 -3.54 3.08
HD1 DAB A 4 -3.61 -3.85 5.37
HD2 DAB A 4 -3.18 -2.25 5.58
HD3 DAB A 4 -2.26 -3.24 4.62
N ORN A 5 -4.10 -3.84 0.66
CA ORN A 5 -5.19 -4.57 0.02
CB ORN A 5 -5.17 -4.34 -1.50
CG ORN A 5 -6.54 -4.50 -2.15
CD ORN A 5 -6.62 -5.79 -2.95
NE ORN A 5 -6.77 -5.47 -4.39
C ORN A 5 -4.98 -6.05 0.36
O ORN A 5 -4.42 -6.80 -0.43
H ORN A 5 -3.29 -4.38 0.97
HA ORN A 5 -6.13 -4.21 0.46
HB2 ORN A 5 -4.79 -3.34 -1.71
HB3 ORN A 5 -4.46 -5.05 -1.97
HG2 ORN A 5 -7.33 -4.50 -1.38
HG3 ORN A 5 -6.74 -3.64 -2.80
HD2 ORN A 5 -5.71 -6.39 -2.85
HD3 ORN A 5 -7.48 -6.40 -2.67
HE1 ORN A 5 -6.84 -6.32 -4.97
HE2 ORN A 5 -5.97 -4.92 -4.73
HE3 ORN A 5 -7.61 -4.91 -4.56
N DLY A 6 -5.48 -6.42 1.53
CA DLY A 6 -5.38 -7.79 1.99
C DLY A 6 -3.97 -8.06 2.50
O DLY A 6 -3.42 -7.26 3.26
CB DLY A 6 -6.47 -8.10 3.01
CG DLY A 6 -7.34 -9.27 2.55
CD DLY A 6 -8.52 -9.48 3.49
CE DLY A 6 -9.84 -9.04 2.83
NZ DLY A 6 -10.03 -7.59 2.98
H DLY A 6 -5.94 -5.79 2.17
HA DLY A 6 -5.56 -8.44 1.12
HB2 DLY A 6 -7.10 -7.22 3.15
HB3 DLY A 6 -6.02 -8.33 3.97
HG2 DLY A 6 -6.74 -10.19 2.53
HG3 DLY A 6 -7.70 -9.10 1.53
HD2 DLY A 6 -8.38 -8.91 4.41
HD3 DLY A 6 -8.60 -10.53 3.78
HE2 DLY A 6 -10.68 -9.58 3.27
HE3 DLY A 6 -9.81 -9.31 1.77
HZ1 DLY A 6 -10.28 -7.18 2.09
HZ2 DLY A 6 -9.18 -7.16 3.29
HZ3 DLY A 6 -10.76 -7.41 3.63
N ARG A 7 -3.41 -9.19 2.07
CA ARG A 7 -2.07 -9.56 2.48
C ARG A 7 -1.04 -8.89 1.58
N TRP A 8 -1.50 -7.93 0.80
CA TRP A 8 -0.63 -7.22 -0.11
C TRP A 8 -0.39 -5.82 0.47
N ORN A 9 0.50 -5.04 -0.23
CA ORN A 9 0.85 -3.69 0.18
CB ORN A 9 1.39 -3.69 1.62
CG ORN A 9 1.15 -2.37 2.35
CD ORN A 9 0.36 -2.59 3.64
NE ORN A 9 0.25 -1.31 4.38
C ORN A 9 1.92 -3.19 -0.80
O ORN A 9 2.96 -3.80 -1.00
H ORN A 9 0.94 -5.40 -1.08
HA ORN A 9 -0.05 -3.06 0.11
HB2 ORN A 9 0.91 -4.49 2.19
HB3 ORN A 9 2.46 -3.91 1.62
HG2 ORN A 9 2.12 -1.89 2.61
HG3 ORN A 9 0.62 -1.66 1.70
HD2 ORN A 9 -0.66 -2.92 3.42
HD3 ORN A 9 0.85 -3.31 4.31
HE1 ORN A 9 -0.73 -1.03 4.50
HE2 ORN A 9 0.74 -0.55 3.90
HE3 ORN A 9 0.67 -1.39 5.32
N DAB A 10 1.62 -1.99 -1.42
CA DAB A 10 2.52 -1.32 -2.35
C DAB A 10 2.77 0.07 -1.76
O DAB A 10 1.94 0.48 -0.94
CB DAB A 10 1.91 -1.19 -3.75
CG DAB A 10 2.47 0.01 -4.51
ND DAB A 10 1.93 0.00 -5.91
H DAB A 10 0.73 -1.52 -1.22
HA DAB A 10 3.46 -1.90 -2.38
HB2 DAB A 10 2.08 -2.10 -4.33
HB3 DAB A 10 0.82 -1.08 -3.66
HG2 DAB A 10 2.17 0.96 -4.07
HG3 DAB A 10 3.56 -0.04 -4.63
HD1 DAB A 10 2.01 0.92 -6.36
HD2 DAB A 10 0.94 -0.27 -5.92
HD3 DAB A 10 2.44 -0.68 -6.48
N ALA A 11 3.80 0.77 -2.20
CA ALA A 11 4.05 2.12 -1.71
C ALA A 11 3.67 3.13 -2.79
N LYS A 12 3.18 4.27 -2.34
CA LYS A 12 2.78 5.33 -3.26
C LYS A 12 2.69 6.66 -2.50
N DPR A 13 3.80 7.43 -2.59
CA DPR A 13 3.85 8.83 -2.07
CB DPR A 13 5.22 9.28 -2.60
CG DPR A 13 6.08 8.02 -2.60
CD DPR A 13 5.13 6.91 -3.00
C DPR A 13 3.66 8.96 -0.51
O DPR A 13 4.55 8.66 0.29
HA DPR A 13 3.07 9.45 -2.54
HB2 DPR A 13 5.67 10.11 -2.01
HB3 DPR A 13 5.11 9.67 -3.63
HG2 DPR A 13 6.96 8.11 -3.27
HG3 DPR A 13 6.48 7.84 -1.58
HD2 DPR A 13 5.38 5.95 -2.49
HD3 DPR A 13 5.16 6.74 -4.09
N PRO A 14 2.47 9.44 -0.09
CA PRO A 14 2.22 9.80 1.33
C PRO A 14 2.00 8.62 2.34
N THR A 1 1.77 7.48 1.63
CA THR A 1 0.66 6.55 1.75
C THR A 1 1.12 5.14 1.39
N TRP A 2 0.16 4.23 1.36
CA TRP A 2 0.44 2.84 1.04
C TRP A 2 -0.86 2.18 0.61
N LEU A 3 -0.77 1.44 -0.49
CA LEU A 3 -1.94 0.75 -1.02
C LEU A 3 -1.99 -0.67 -0.45
N DAB A 4 -2.36 -0.75 0.88
CA DAB A 4 -2.49 -2.01 1.59
C DAB A 4 -3.81 -2.63 1.12
O DAB A 4 -4.84 -1.98 1.29
CB DAB A 4 -2.56 -1.82 3.11
CG DAB A 4 -1.18 -1.70 3.75
ND DAB A 4 -1.33 -1.78 5.23
H DAB A 4 -2.57 0.10 1.40
HA DAB A 4 -1.65 -2.65 1.32
HB2 DAB A 4 -3.15 -0.92 3.35
HB3 DAB A 4 -3.10 -2.66 3.57
HG2 DAB A 4 -0.51 -2.51 3.46
HG3 DAB A 4 -0.71 -0.74 3.55
HD1 DAB A 4 -2.29 -1.99 5.52
HD2 DAB A 4 -1.04 -0.90 5.69
HD3 DAB A 4 -0.72 -2.52 5.61
N ORN A 5 -3.80 -3.89 0.55
CA ORN A 5 -5.01 -4.55 0.10
CB ORN A 5 -5.21 -4.38 -1.40
CG ORN A 5 -6.40 -5.16 -1.96
CD ORN A 5 -7.30 -4.25 -2.81
NE ORN A 5 -7.91 -5.06 -3.90
C ORN A 5 -4.85 -6.04 0.47
O ORN A 5 -4.25 -6.80 -0.30
H ORN A 5 -2.92 -4.38 0.42
HA ORN A 5 -5.86 -4.13 0.65
HB2 ORN A 5 -5.36 -3.31 -1.64
HB3 ORN A 5 -4.30 -4.69 -1.94
HG2 ORN A 5 -6.06 -6.00 -2.56
HG3 ORN A 5 -7.00 -5.58 -1.13
HD2 ORN A 5 -8.12 -3.83 -2.23
HD3 ORN A 5 -6.73 -3.45 -3.29
HE1 ORN A 5 -7.49 -6.00 -3.97
HE2 ORN A 5 -7.80 -4.61 -4.82
HE3 ORN A 5 -8.92 -5.19 -3.74
N DLY A 6 -5.40 -6.39 1.61
CA DLY A 6 -5.34 -7.77 2.08
C DLY A 6 -3.92 -8.08 2.56
O DLY A 6 -3.34 -7.31 3.33
CB DLY A 6 -6.41 -8.02 3.14
CG DLY A 6 -6.84 -9.50 3.14
CD DLY A 6 -8.21 -9.66 3.80
CE DLY A 6 -8.08 -10.17 5.23
NZ DLY A 6 -9.10 -11.21 5.52
H DLY A 6 -5.88 -5.76 2.22
HA DLY A 6 -5.56 -8.41 1.22
HB2 DLY A 6 -7.29 -7.39 2.94
HB3 DLY A 6 -6.04 -7.74 4.12
HG2 DLY A 6 -6.10 -10.09 3.68
HG3 DLY A 6 -6.87 -9.87 2.12
HD2 DLY A 6 -8.81 -10.37 3.22
HD3 DLY A 6 -8.74 -8.72 3.79
HE2 DLY A 6 -8.19 -9.34 5.93
HE3 DLY A 6 -7.08 -10.58 5.39
HZ1 DLY A 6 -9.65 -11.36 4.70
HZ2 DLY A 6 -9.68 -10.92 6.27
HZ3 DLY A 6 -8.64 -12.07 5.77
N ARG A 7 -3.41 -9.20 2.09
CA ARG A 7 -2.07 -9.62 2.47
C ARG A 7 -1.02 -8.96 1.57
N TRP A 8 -1.49 -7.98 0.81
CA TRP A 8 -0.62 -7.25 -0.10
C TRP A 8 -0.53 -5.81 0.39
N ORN A 9 0.37 -5.01 -0.29
CA ORN A 9 0.58 -3.61 0.05
CB ORN A 9 0.97 -3.47 1.52
CG ORN A 9 2.37 -4.01 1.85
CD ORN A 9 2.38 -4.72 3.19
NE ORN A 9 2.33 -6.18 2.97
C ORN A 9 1.71 -3.11 -0.87
O ORN A 9 2.80 -3.68 -0.93
H ORN A 9 0.92 -5.40 -1.06
HA ORN A 9 -0.35 -3.06 -0.17
HB2 ORN A 9 0.92 -2.40 1.81
HB3 ORN A 9 0.23 -3.98 2.16
HG2 ORN A 9 2.69 -4.70 1.06
HG3 ORN A 9 3.08 -3.17 1.86
HD2 ORN A 9 3.29 -4.51 3.75
HD3 ORN A 9 1.51 -4.46 3.80
HE1 ORN A 9 3.27 -6.60 2.98
HE2 ORN A 9 1.90 -6.42 2.06
HE3 ORN A 9 1.78 -6.65 3.70
N DAB A 10 1.41 -1.97 -1.57
CA DAB A 10 2.36 -1.30 -2.45
C DAB A 10 2.63 0.08 -1.83
O DAB A 10 1.80 0.48 -1.00
CB DAB A 10 1.82 -1.11 -3.87
CG DAB A 10 2.91 -1.12 -4.93
ND DAB A 10 3.79 -2.30 -4.71
H DAB A 10 0.49 -1.54 -1.47
HA DAB A 10 3.30 -1.89 -2.46
HB2 DAB A 10 1.09 -1.89 -4.10
HB3 DAB A 10 1.28 -0.16 -3.92
HG2 DAB A 10 2.51 -1.22 -5.94
HG3 DAB A 10 3.57 -0.25 -4.86
HD1 DAB A 10 4.26 -2.59 -5.58
HD2 DAB A 10 3.26 -3.10 -4.36
HD3 DAB A 10 4.52 -2.08 -4.03
N ALA A 11 3.68 0.78 -2.22
CA ALA A 11 3.94 2.10 -1.69
C ALA A 11 3.71 3.14 -2.80
N LYS A 12 3.26 4.31 -2.38
CA LYS A 12 2.99 5.39 -3.32
C LYS A 12 2.94 6.72 -2.56
N DPR A 13 4.14 7.34 -2.40
CA DPR A 13 4.26 8.72 -1.83
CB DPR A 13 5.74 9.03 -2.16
CG DPR A 13 6.46 7.68 -2.06
CD DPR A 13 5.44 6.67 -2.62
C DPR A 13 3.86 8.86 -0.32
O DPR A 13 4.59 8.45 0.59
HA DPR A 13 3.63 9.43 -2.41
HB2 DPR A 13 6.17 9.79 -1.49
HB3 DPR A 13 5.82 9.43 -3.19
HG2 DPR A 13 7.42 7.65 -2.61
HG3 DPR A 13 6.67 7.45 -1.01
HD2 DPR A 13 5.52 5.70 -2.11
HD3 DPR A 13 5.62 6.51 -3.71
N PRO A 14 2.69 9.47 -0.06
CA PRO A 14 2.28 9.85 1.32
C PRO A 14 1.76 8.70 2.25
N THR A 1 1.79 7.33 1.69
CA THR A 1 0.75 6.34 1.86
C THR A 1 1.22 4.97 1.36
N TRP A 2 0.31 4.01 1.36
CA TRP A 2 0.62 2.67 0.92
C TRP A 2 -0.68 2.01 0.43
N LEU A 3 -0.54 1.19 -0.60
CA LEU A 3 -1.69 0.51 -1.16
C LEU A 3 -1.89 -0.82 -0.43
N DAB A 4 -2.46 -0.71 0.83
CA DAB A 4 -2.76 -1.87 1.67
C DAB A 4 -4.05 -2.48 1.09
O DAB A 4 -5.06 -1.80 1.14
CB DAB A 4 -3.00 -1.47 3.13
CG DAB A 4 -3.86 -0.22 3.27
ND DAB A 4 -4.95 -0.47 4.23
H DAB A 4 -2.70 0.20 1.19
HA DAB A 4 -1.93 -2.57 1.59
HB2 DAB A 4 -3.49 -2.29 3.66
HB3 DAB A 4 -2.05 -1.31 3.63
HG2 DAB A 4 -3.29 0.63 3.67
HG3 DAB A 4 -4.34 0.07 2.33
HD1 DAB A 4 -4.61 -0.79 5.14
HD2 DAB A 4 -5.61 -1.19 3.87
HD3 DAB A 4 -5.51 0.38 4.38
N ORN A 5 -3.99 -3.76 0.59
CA ORN A 5 -5.18 -4.44 0.08
CB ORN A 5 -5.30 -4.22 -1.44
CG ORN A 5 -6.43 -5.03 -2.08
CD ORN A 5 -7.70 -4.20 -2.19
NE ORN A 5 -8.89 -5.08 -2.09
C ORN A 5 -5.01 -5.93 0.40
O ORN A 5 -4.55 -6.72 -0.43
H ORN A 5 -3.12 -4.28 0.58
HA ORN A 5 -6.06 -4.03 0.59
HB2 ORN A 5 -5.48 -3.16 -1.64
HB3 ORN A 5 -4.35 -4.48 -1.92
HG2 ORN A 5 -6.13 -5.38 -3.08
HG3 ORN A 5 -6.64 -5.93 -1.48
HD2 ORN A 5 -7.78 -3.46 -1.38
HD3 ORN A 5 -7.76 -3.69 -3.17
HE1 ORN A 5 -9.27 -5.10 -1.14
HE2 ORN A 5 -8.66 -6.04 -2.36
HE3 ORN A 5 -9.63 -4.76 -2.72
N DLY A 6 -5.42 -6.27 1.61
CA DLY A 6 -5.34 -7.65 2.07
C DLY A 6 -3.92 -7.95 2.55
O DLY A 6 -3.35 -7.16 3.31
CB DLY A 6 -6.42 -7.93 3.11
CG DLY A 6 -7.76 -8.26 2.45
CD DLY A 6 -8.90 -7.43 3.04
CE DLY A 6 -9.65 -8.21 4.10
NZ DLY A 6 -10.99 -7.62 4.33
H DLY A 6 -5.80 -5.62 2.28
HA DLY A 6 -5.56 -8.29 1.21
HB2 DLY A 6 -6.54 -7.06 3.76
HB3 DLY A 6 -6.11 -8.77 3.75
HG2 DLY A 6 -7.97 -9.32 2.58
HG3 DLY A 6 -7.69 -8.09 1.38
HD2 DLY A 6 -9.58 -7.13 2.24
HD3 DLY A 6 -8.49 -6.51 3.47
HE2 DLY A 6 -9.09 -8.21 5.04
HE3 DLY A 6 -9.76 -9.25 3.80
HZ1 DLY A 6 -10.89 -6.78 4.89
HZ2 DLY A 6 -11.57 -8.28 4.82
HZ3 DLY A 6 -11.40 -7.39 3.46
N ARG A 7 -3.40 -9.08 2.10
CA ARG A 7 -2.06 -9.49 2.48
C ARG A 7 -1.02 -8.82 1.57
N TRP A 8 -1.49 -7.84 0.81
CA TRP A 8 -0.63 -7.12 -0.12
C TRP A 8 -0.44 -5.71 0.43
N ORN A 9 0.57 -4.99 -0.17
CA ORN A 9 0.88 -3.62 0.22
CB ORN A 9 1.46 -3.58 1.65
CG ORN A 9 1.10 -2.31 2.42
CD ORN A 9 0.42 -2.66 3.74
NE ORN A 9 1.46 -2.95 4.76
C ORN A 9 1.89 -3.09 -0.79
O ORN A 9 2.98 -3.63 -0.98
H ORN A 9 1.13 -5.39 -0.90
HA ORN A 9 -0.05 -3.03 0.17
HB2 ORN A 9 1.10 -4.45 2.21
HB3 ORN A 9 2.56 -3.67 1.60
HG2 ORN A 9 1.99 -1.72 2.62
HG3 ORN A 9 0.42 -1.69 1.81
HD2 ORN A 9 -0.18 -1.83 4.13
HD3 ORN A 9 -0.20 -3.56 3.66
HE1 ORN A 9 1.23 -2.52 5.67
HE2 ORN A 9 2.39 -2.59 4.47
HE3 ORN A 9 1.56 -3.96 4.91
N DAB A 10 1.50 -1.96 -1.48
CA DAB A 10 2.34 -1.27 -2.45
C DAB A 10 2.67 0.10 -1.83
O DAB A 10 1.91 0.49 -0.94
CB DAB A 10 1.62 -1.06 -3.78
CG DAB A 10 2.57 -1.08 -4.97
ND DAB A 10 1.91 -0.44 -6.14
H DAB A 10 0.58 -1.55 -1.28
HA DAB A 10 3.24 -1.86 -2.58
HB2 DAB A 10 0.84 -1.81 -3.92
HB3 DAB A 10 1.10 -0.08 -3.77
HG2 DAB A 10 3.49 -0.52 -4.79
HG3 DAB A 10 2.80 -2.10 -5.30
HD1 DAB A 10 1.60 0.51 -5.93
HD2 DAB A 10 1.10 -0.97 -6.46
HD3 DAB A 10 2.56 -0.38 -6.94
N ALA A 11 3.69 0.79 -2.30
CA ALA A 11 4.01 2.10 -1.78
C ALA A 11 3.72 3.15 -2.86
N LYS A 12 3.25 4.30 -2.39
CA LYS A 12 2.92 5.39 -3.30
C LYS A 12 2.83 6.70 -2.50
N DPR A 13 3.97 7.42 -2.45
CA DPR A 13 4.02 8.80 -1.87
CB DPR A 13 5.44 9.23 -2.27
CG DPR A 13 6.26 7.93 -2.24
CD DPR A 13 5.30 6.87 -2.76
C DPR A 13 3.69 8.89 -0.33
O DPR A 13 4.51 8.53 0.53
HA DPR A 13 3.31 9.47 -2.39
HB2 DPR A 13 5.87 10.01 -1.61
HB3 DPR A 13 5.44 9.65 -3.30
HG2 DPR A 13 7.20 8.00 -2.83
HG3 DPR A 13 6.56 7.70 -1.20
HD2 DPR A 13 5.47 5.89 -2.28
HD3 DPR A 13 5.42 6.73 -3.86
N PRO A 14 2.50 9.41 0.00
CA PRO A 14 2.15 9.72 1.41
C PRO A 14 1.78 8.52 2.35
N THR A 1 2.29 7.53 1.71
CA THR A 1 1.27 6.56 2.07
C THR A 1 1.61 5.19 1.47
N TRP A 2 0.68 4.25 1.65
CA TRP A 2 0.87 2.91 1.12
C TRP A 2 -0.50 2.35 0.77
N LEU A 3 -0.49 1.34 -0.10
CA LEU A 3 -1.72 0.71 -0.53
C LEU A 3 -2.25 -0.19 0.59
N DAB A 4 -3.38 -0.91 0.28
CA DAB A 4 -4.01 -1.85 1.20
C DAB A 4 -4.84 -2.81 0.33
O DAB A 4 -5.75 -2.31 -0.33
CB DAB A 4 -4.95 -1.14 2.20
CG DAB A 4 -4.48 -1.28 3.63
ND DAB A 4 -5.55 -0.78 4.54
H DAB A 4 -3.80 -0.81 -0.65
HA DAB A 4 -3.22 -2.40 1.72
HB2 DAB A 4 -5.03 -0.08 1.94
HB3 DAB A 4 -5.96 -1.57 2.10
HG2 DAB A 4 -4.30 -2.32 3.92
HG3 DAB A 4 -3.60 -0.66 3.86
HD1 DAB A 4 -5.75 -1.44 5.31
HD2 DAB A 4 -6.43 -0.62 4.04
HD3 DAB A 4 -5.27 0.11 4.97
N ORN A 5 -4.55 -4.16 0.36
CA ORN A 5 -5.32 -5.13 -0.40
CB ORN A 5 -5.01 -5.01 -1.90
CG ORN A 5 -6.08 -5.64 -2.79
CD ORN A 5 -6.43 -4.71 -3.95
NE ORN A 5 -7.43 -5.38 -4.82
C ORN A 5 -4.90 -6.51 0.13
O ORN A 5 -4.04 -7.17 -0.44
H ORN A 5 -3.78 -4.50 0.93
HA ORN A 5 -6.39 -4.95 -0.20
HB2 ORN A 5 -4.91 -3.95 -2.16
HB3 ORN A 5 -4.03 -5.47 -2.12
HG2 ORN A 5 -5.74 -6.60 -3.18
HG3 ORN A 5 -6.98 -5.83 -2.20
HD2 ORN A 5 -6.87 -3.77 -3.62
HD3 ORN A 5 -5.55 -4.50 -4.58
HE1 ORN A 5 -6.99 -5.79 -5.67
HE2 ORN A 5 -8.15 -4.71 -5.14
HE3 ORN A 5 -7.90 -6.14 -4.33
N DLY A 6 -5.56 -6.90 1.22
CA DLY A 6 -5.30 -8.19 1.82
C DLY A 6 -3.91 -8.18 2.47
O DLY A 6 -3.55 -7.22 3.15
CB DLY A 6 -6.43 -8.57 2.78
CG DLY A 6 -6.75 -10.07 2.70
CD DLY A 6 -7.55 -10.53 3.92
CE DLY A 6 -7.37 -12.02 4.16
NZ DLY A 6 -6.25 -12.27 5.09
H DLY A 6 -6.26 -6.36 1.67
HA DLY A 6 -5.30 -8.94 1.03
HB2 DLY A 6 -7.32 -7.99 2.56
HB3 DLY A 6 -6.14 -8.32 3.80
HG2 DLY A 6 -5.82 -10.64 2.64
HG3 DLY A 6 -7.30 -10.27 1.79
HD2 DLY A 6 -8.61 -10.31 3.76
HD3 DLY A 6 -7.24 -9.96 4.80
HE2 DLY A 6 -7.19 -12.53 3.22
HE3 DLY A 6 -8.29 -12.45 4.58
HZ1 DLY A 6 -5.45 -11.71 4.80
HZ2 DLY A 6 -6.00 -13.23 5.07
HZ3 DLY A 6 -6.52 -12.01 6.01
N ARG A 7 -3.17 -9.25 2.24
CA ARG A 7 -1.83 -9.36 2.79
C ARG A 7 -0.81 -8.65 1.88
N TRP A 8 -1.35 -7.87 0.95
CA TRP A 8 -0.50 -7.14 0.03
C TRP A 8 -0.30 -5.73 0.58
N ORN A 9 0.53 -4.92 -0.16
CA ORN A 9 0.83 -3.55 0.22
CB ORN A 9 1.35 -3.50 1.68
CG ORN A 9 0.79 -2.31 2.47
CD ORN A 9 -0.33 -2.75 3.40
NE ORN A 9 -0.08 -2.22 4.76
C ORN A 9 1.91 -3.05 -0.74
O ORN A 9 3.01 -3.59 -0.84
H ORN A 9 0.95 -5.27 -1.02
HA ORN A 9 -0.09 -2.95 0.12
HB2 ORN A 9 1.05 -4.42 2.19
HB3 ORN A 9 2.44 -3.47 1.69
HG2 ORN A 9 1.60 -1.86 3.07
HG3 ORN A 9 0.43 -1.54 1.78
HD2 ORN A 9 -1.30 -2.36 3.09
HD3 ORN A 9 -0.38 -3.85 3.49
HE1 ORN A 9 -0.64 -2.71 5.47
HE2 ORN A 9 -0.30 -1.22 4.83
HE3 ORN A 9 0.91 -2.33 5.03
N DAB A 10 1.55 -1.94 -1.47
CA DAB A 10 2.45 -1.28 -2.41
C DAB A 10 2.71 0.12 -1.84
O DAB A 10 1.91 0.52 -0.99
CB DAB A 10 1.83 -1.14 -3.81
CG DAB A 10 2.31 0.11 -4.54
ND DAB A 10 1.76 0.10 -5.92
H DAB A 10 0.63 -1.53 -1.36
HA DAB A 10 3.37 -1.85 -2.46
HB2 DAB A 10 2.05 -2.02 -4.42
HB3 DAB A 10 0.74 -1.10 -3.72
HG2 DAB A 10 1.96 1.03 -4.07
HG3 DAB A 10 3.39 0.14 -4.66
HD1 DAB A 10 2.47 -0.17 -6.62
HD2 DAB A 10 1.40 1.03 -6.20
HD3 DAB A 10 0.98 -0.56 -6.01
N ALA A 11 3.74 0.82 -2.30
CA ALA A 11 4.00 2.16 -1.82
C ALA A 11 3.55 3.18 -2.87
N LYS A 12 3.12 4.33 -2.39
CA LYS A 12 2.67 5.38 -3.28
C LYS A 12 2.68 6.72 -2.53
N DPR A 13 3.80 7.47 -2.71
CA DPR A 13 3.92 8.87 -2.20
CB DPR A 13 5.25 9.29 -2.85
CG DPR A 13 6.09 8.01 -2.91
CD DPR A 13 5.07 6.92 -3.22
C DPR A 13 3.85 9.02 -0.63
O DPR A 13 4.81 8.71 0.09
HA DPR A 13 3.11 9.51 -2.62
HB2 DPR A 13 5.76 10.11 -2.31
HB3 DPR A 13 5.07 9.67 -3.87
HG2 DPR A 13 6.91 8.06 -3.65
HG3 DPR A 13 6.55 7.82 -1.92
HD2 DPR A 13 5.34 5.96 -2.74
HD3 DPR A 13 5.02 6.74 -4.32
N PRO A 14 2.72 9.52 -0.12
CA PRO A 14 2.59 9.89 1.32
C PRO A 14 2.43 8.72 2.35
N THR A 1 1.95 7.45 1.68
CA THR A 1 0.96 6.45 2.02
C THR A 1 1.38 5.07 1.48
N TRP A 2 0.48 4.12 1.64
CA TRP A 2 0.74 2.76 1.18
C TRP A 2 -0.59 2.13 0.77
N LEU A 3 -0.56 1.44 -0.36
CA LEU A 3 -1.75 0.79 -0.87
C LEU A 3 -1.86 -0.62 -0.27
N DAB A 4 -2.49 -0.69 0.94
CA DAB A 4 -2.71 -1.94 1.65
C DAB A 4 -3.96 -2.58 1.02
O DAB A 4 -5.01 -1.95 1.12
CB DAB A 4 -2.97 -1.73 3.15
CG DAB A 4 -1.73 -1.97 4.01
ND DAB A 4 -2.11 -1.96 5.45
H DAB A 4 -2.85 0.16 1.39
HA DAB A 4 -1.84 -2.59 1.50
HB2 DAB A 4 -3.34 -0.71 3.32
HB3 DAB A 4 -3.76 -2.41 3.49
HG2 DAB A 4 -1.27 -2.94 3.81
HG3 DAB A 4 -0.99 -1.17 3.90
HD1 DAB A 4 -3.13 -2.07 5.57
HD2 DAB A 4 -1.82 -1.09 5.92
HD3 DAB A 4 -1.66 -2.74 5.94
N ORN A 5 -3.85 -3.81 0.42
CA ORN A 5 -5.00 -4.50 -0.16
CB ORN A 5 -5.00 -4.34 -1.68
CG ORN A 5 -6.12 -5.13 -2.38
CD ORN A 5 -7.33 -4.24 -2.62
NE ORN A 5 -8.39 -5.04 -3.28
C ORN A 5 -4.87 -5.97 0.24
O ORN A 5 -4.28 -6.77 -0.48
H ORN A 5 -2.95 -4.28 0.37
HA ORN A 5 -5.90 -4.06 0.28
HB2 ORN A 5 -5.12 -3.28 -1.94
HB3 ORN A 5 -4.03 -4.64 -2.09
HG2 ORN A 5 -5.75 -5.53 -3.33
HG3 ORN A 5 -6.40 -5.98 -1.75
HD2 ORN A 5 -7.75 -3.86 -1.69
HD3 ORN A 5 -7.10 -3.42 -3.30
HE1 ORN A 5 -8.01 -5.71 -3.95
HE2 ORN A 5 -9.07 -4.45 -3.78
HE3 ORN A 5 -8.93 -5.59 -2.58
N DLY A 6 -5.47 -6.28 1.38
CA DLY A 6 -5.45 -7.65 1.87
C DLY A 6 -4.06 -7.97 2.45
O DLY A 6 -3.50 -7.18 3.21
CB DLY A 6 -6.58 -7.86 2.88
CG DLY A 6 -7.36 -9.15 2.57
CD DLY A 6 -8.82 -9.04 2.99
CE DLY A 6 -9.11 -9.91 4.21
NZ DLY A 6 -9.26 -9.08 5.43
H DLY A 6 -5.94 -5.63 1.96
HA DLY A 6 -5.64 -8.31 1.03
HB2 DLY A 6 -7.27 -7.02 2.86
HB3 DLY A 6 -6.17 -7.92 3.90
HG2 DLY A 6 -6.89 -9.99 3.09
HG3 DLY A 6 -7.30 -9.36 1.50
HD2 DLY A 6 -9.46 -9.33 2.17
HD3 DLY A 6 -9.04 -7.99 3.23
HE2 DLY A 6 -8.31 -10.64 4.35
HE3 DLY A 6 -10.03 -10.48 4.04
HZ1 DLY A 6 -8.71 -9.48 6.16
HZ2 DLY A 6 -10.21 -9.04 5.70
HZ3 DLY A 6 -8.93 -8.15 5.23
N ARG A 7 -3.55 -9.12 2.04
CA ARG A 7 -2.23 -9.55 2.49
C ARG A 7 -1.14 -8.93 1.63
N TRP A 8 -1.55 -7.97 0.81
CA TRP A 8 -0.62 -7.29 -0.07
C TRP A 8 -0.44 -5.85 0.43
N ORN A 9 0.52 -5.12 -0.23
CA ORN A 9 0.81 -3.73 0.12
CB ORN A 9 1.33 -3.64 1.56
CG ORN A 9 2.78 -4.14 1.72
CD ORN A 9 2.99 -4.79 3.08
NE ORN A 9 2.94 -6.27 2.92
C ORN A 9 1.87 -3.24 -0.87
O ORN A 9 2.87 -3.92 -1.15
H ORN A 9 1.06 -5.53 -0.98
HA ORN A 9 -0.11 -3.15 0.02
HB2 ORN A 9 1.28 -2.60 1.91
HB3 ORN A 9 0.69 -4.22 2.24
HG2 ORN A 9 3.02 -4.86 0.92
HG3 ORN A 9 3.47 -3.29 1.60
HD2 ORN A 9 3.96 -4.55 3.50
HD3 ORN A 9 2.20 -4.52 3.78
HE1 ORN A 9 2.67 -6.73 3.80
HE2 ORN A 9 3.84 -6.65 2.62
HE3 ORN A 9 2.24 -6.53 2.21
N DAB A 10 1.62 -2.00 -1.40
CA DAB A 10 2.54 -1.33 -2.33
C DAB A 10 2.75 0.08 -1.76
O DAB A 10 1.87 0.51 -1.03
CB DAB A 10 1.96 -1.22 -3.74
CG DAB A 10 2.55 -0.08 -4.54
ND DAB A 10 4.00 -0.34 -4.78
H DAB A 10 0.78 -1.49 -1.14
HA DAB A 10 3.48 -1.89 -2.34
HB2 DAB A 10 2.12 -2.17 -4.29
HB3 DAB A 10 0.87 -1.09 -3.69
HG2 DAB A 10 2.09 0.02 -5.53
HG3 DAB A 10 2.52 0.87 -4.00
HD1 DAB A 10 4.39 -1.00 -4.09
HD2 DAB A 10 4.56 0.52 -4.74
HD3 DAB A 10 4.15 -0.75 -5.71
N ALA A 11 3.82 0.76 -2.14
CA ALA A 11 4.04 2.11 -1.67
C ALA A 11 3.64 3.11 -2.76
N LYS A 12 3.15 4.25 -2.33
CA LYS A 12 2.72 5.29 -3.27
C LYS A 12 2.63 6.63 -2.53
N DPR A 13 3.71 7.44 -2.69
CA DPR A 13 3.73 8.84 -2.18
CB DPR A 13 5.07 9.33 -2.77
CG DPR A 13 5.97 8.09 -2.77
CD DPR A 13 5.04 6.95 -3.12
C DPR A 13 3.58 9.00 -0.63
O DPR A 13 4.50 8.76 0.14
HA DPR A 13 2.91 9.44 -2.66
HB2 DPR A 13 5.50 10.18 -2.21
HB3 DPR A 13 4.91 9.69 -3.81
HG2 DPR A 13 6.83 8.19 -3.48
HG3 DPR A 13 6.39 7.94 -1.75
HD2 DPR A 13 5.32 6.01 -2.61
HD3 DPR A 13 5.03 6.75 -4.21
N PRO A 14 2.38 9.45 -0.18
CA PRO A 14 2.16 9.83 1.24
C PRO A 14 2.01 8.66 2.28
N THR A 1 1.90 7.44 1.67
CA THR A 1 0.89 6.45 1.99
C THR A 1 1.32 5.07 1.49
N TRP A 2 0.41 4.11 1.62
CA TRP A 2 0.69 2.75 1.19
C TRP A 2 -0.64 2.11 0.78
N LEU A 3 -0.65 1.56 -0.42
CA LEU A 3 -1.84 0.91 -0.94
C LEU A 3 -1.88 -0.54 -0.46
N DAB A 4 -2.40 -0.71 0.81
CA DAB A 4 -2.55 -2.02 1.43
C DAB A 4 -3.89 -2.58 0.93
O DAB A 4 -4.87 -1.84 1.01
CB DAB A 4 -2.59 -1.93 2.97
CG DAB A 4 -1.99 -3.16 3.64
ND DAB A 4 -3.08 -3.98 4.23
H DAB A 4 -2.70 0.10 1.34
HA DAB A 4 -1.72 -2.66 1.10
HB2 DAB A 4 -2.05 -1.04 3.30
HB3 DAB A 4 -3.62 -1.81 3.30
HG2 DAB A 4 -1.46 -3.80 2.95
HG3 DAB A 4 -1.34 -2.90 4.49
HD1 DAB A 4 -3.87 -3.40 4.54
HD2 DAB A 4 -2.76 -4.54 5.03
HD3 DAB A 4 -3.45 -4.64 3.52
N ORN A 5 -3.94 -3.87 0.47
CA ORN A 5 -5.18 -4.49 0.02
CB ORN A 5 -5.38 -4.26 -1.49
CG ORN A 5 -6.80 -4.56 -1.97
CD ORN A 5 -7.62 -3.28 -2.05
NE ORN A 5 -7.24 -2.52 -3.27
C ORN A 5 -5.07 -5.98 0.34
O ORN A 5 -4.68 -6.78 -0.52
H ORN A 5 -3.09 -4.43 0.42
HA ORN A 5 -6.00 -4.04 0.58
HB2 ORN A 5 -5.14 -3.22 -1.74
HB3 ORN A 5 -4.67 -4.88 -2.06
HG2 ORN A 5 -6.78 -5.04 -2.96
HG3 ORN A 5 -7.27 -5.27 -1.28
HD2 ORN A 5 -8.70 -3.49 -2.14
HD3 ORN A 5 -7.44 -2.63 -1.20
HE1 ORN A 5 -8.04 -2.08 -3.71
HE2 ORN A 5 -6.79 -3.13 -3.97
HE3 ORN A 5 -6.56 -1.78 -3.03
N DLY A 6 -5.42 -6.31 1.56
CA DLY A 6 -5.39 -7.69 2.01
C DLY A 6 -3.98 -8.02 2.53
O DLY A 6 -3.40 -7.26 3.30
CB DLY A 6 -6.49 -7.95 3.04
CG DLY A 6 -7.51 -8.96 2.50
CD DLY A 6 -8.90 -8.69 3.08
CE DLY A 6 -9.87 -9.83 2.74
NZ DLY A 6 -10.50 -10.36 3.97
H DLY A 6 -5.73 -5.65 2.25
HA DLY A 6 -5.60 -8.32 1.15
HB2 DLY A 6 -6.99 -7.01 3.28
HB3 DLY A 6 -6.06 -8.34 3.96
HG2 DLY A 6 -7.20 -9.97 2.74
HG3 DLY A 6 -7.55 -8.89 1.41
HD2 DLY A 6 -9.29 -7.75 2.69
HD3 DLY A 6 -8.83 -8.58 4.16
HE2 DLY A 6 -9.33 -10.62 2.23
HE3 DLY A 6 -10.63 -9.47 2.06
HZ1 DLY A 6 -10.88 -11.26 3.79
HZ2 DLY A 6 -11.22 -9.74 4.27
HZ3 DLY A 6 -9.81 -10.44 4.70
N ARG A 7 -3.47 -9.17 2.08
CA ARG A 7 -2.16 -9.60 2.49
C ARG A 7 -1.08 -8.96 1.59
N TRP A 8 -1.52 -7.98 0.81
CA TRP A 8 -0.61 -7.28 -0.09
C TRP A 8 -0.48 -5.84 0.40
N ORN A 9 0.43 -5.08 -0.29
CA ORN A 9 0.68 -3.68 0.05
CB ORN A 9 1.10 -3.54 1.52
CG ORN A 9 2.50 -4.07 1.81
CD ORN A 9 2.61 -4.55 3.25
NE ORN A 9 4.04 -4.71 3.61
C ORN A 9 1.82 -3.21 -0.87
O ORN A 9 2.84 -3.88 -1.04
H ORN A 9 0.96 -5.48 -1.06
HA ORN A 9 -0.23 -3.11 -0.15
HB2 ORN A 9 1.04 -2.49 1.82
HB3 ORN A 9 0.37 -4.07 2.16
HG2 ORN A 9 2.74 -4.89 1.13
HG3 ORN A 9 3.23 -3.27 1.63
HD2 ORN A 9 2.18 -3.84 3.96
HD3 ORN A 9 2.15 -5.54 3.38
HE1 ORN A 9 4.21 -5.55 4.18
HE2 ORN A 9 4.40 -3.90 4.14
HE3 ORN A 9 4.62 -4.79 2.77
N DAB A 10 1.60 -1.99 -1.47
CA DAB A 10 2.57 -1.34 -2.33
C DAB A 10 2.78 0.07 -1.76
O DAB A 10 1.90 0.50 -1.02
CB DAB A 10 2.08 -1.22 -3.78
CG DAB A 10 3.08 -1.73 -4.80
ND DAB A 10 3.36 -0.68 -5.80
H DAB A 10 0.74 -1.48 -1.29
HA DAB A 10 3.51 -1.91 -2.29
HB2 DAB A 10 1.13 -1.76 -3.90
HB3 DAB A 10 1.85 -0.17 -4.00
HG2 DAB A 10 4.05 -1.99 -4.34
HG3 DAB A 10 2.69 -2.58 -5.37
HD1 DAB A 10 4.04 -0.98 -6.51
HD2 DAB A 10 3.72 0.17 -5.37
HD3 DAB A 10 2.50 -0.42 -6.30
N ALA A 11 3.86 0.75 -2.11
CA ALA A 11 4.08 2.11 -1.63
C ALA A 11 3.70 3.10 -2.74
N LYS A 12 3.21 4.26 -2.31
CA LYS A 12 2.80 5.29 -3.23
C LYS A 12 2.72 6.63 -2.50
N DPR A 13 3.80 7.44 -2.64
CA DPR A 13 3.82 8.84 -2.13
CB DPR A 13 5.19 9.30 -2.67
CG DPR A 13 6.08 8.06 -2.63
CD DPR A 13 5.13 6.92 -3.02
C DPR A 13 3.62 8.99 -0.58
O DPR A 13 4.52 8.75 0.22
HA DPR A 13 3.04 9.45 -2.63
HB2 DPR A 13 5.63 10.15 -2.09
HB3 DPR A 13 5.09 9.68 -3.71
HG2 DPR A 13 6.96 8.14 -3.31
HG3 DPR A 13 6.47 7.89 -1.61
HD2 DPR A 13 5.39 5.98 -2.50
HD3 DPR A 13 5.18 6.73 -4.12
N PRO A 14 2.42 9.45 -0.18
CA PRO A 14 2.15 9.82 1.24
C PRO A 14 1.95 8.66 2.27
N THR A 1 2.11 7.51 1.66
CA THR A 1 1.09 6.54 1.96
C THR A 1 1.51 5.14 1.47
N TRP A 2 0.60 4.20 1.61
CA TRP A 2 0.86 2.84 1.19
C TRP A 2 -0.49 2.17 0.87
N LEU A 3 -0.46 1.31 -0.13
CA LEU A 3 -1.66 0.59 -0.54
C LEU A 3 -2.07 -0.38 0.56
N DAB A 4 -3.36 -0.84 0.48
CA DAB A 4 -3.93 -1.81 1.42
C DAB A 4 -4.85 -2.71 0.59
O DAB A 4 -5.83 -2.20 0.09
CB DAB A 4 -4.76 -1.13 2.52
CG DAB A 4 -4.05 -1.11 3.87
ND DAB A 4 -5.04 -1.45 4.94
H DAB A 4 -3.98 -0.51 -0.26
HA DAB A 4 -3.11 -2.38 1.86
HB2 DAB A 4 -5.01 -0.10 2.23
HB3 DAB A 4 -5.72 -1.65 2.63
HG2 DAB A 4 -3.26 -1.86 3.93
HG3 DAB A 4 -3.67 -0.12 4.12
HD1 DAB A 4 -4.57 -1.82 5.78
HD2 DAB A 4 -5.72 -2.15 4.62
HD3 DAB A 4 -5.56 -0.61 5.22
N ORN A 5 -4.53 -4.05 0.50
CA ORN A 5 -5.38 -5.00 -0.24
CB ORN A 5 -5.17 -4.84 -1.75
CG ORN A 5 -6.46 -4.95 -2.55
CD ORN A 5 -6.32 -4.26 -3.91
NE ORN A 5 -7.53 -4.51 -4.73
C ORN A 5 -4.98 -6.39 0.23
O ORN A 5 -4.17 -7.07 -0.41
H ORN A 5 -3.70 -4.42 0.93
HA ORN A 5 -6.43 -4.79 0.02
HB2 ORN A 5 -4.71 -3.87 -1.96
HB3 ORN A 5 -4.46 -5.59 -2.11
HG2 ORN A 5 -6.73 -6.00 -2.71
HG3 ORN A 5 -7.29 -4.48 -2.00
HD2 ORN A 5 -6.23 -3.17 -3.82
HD3 ORN A 5 -5.46 -4.65 -4.48
HE1 ORN A 5 -7.29 -4.73 -5.71
HE2 ORN A 5 -8.17 -3.71 -4.73
HE3 ORN A 5 -8.05 -5.32 -4.36
N DLY A 6 -5.58 -6.79 1.35
CA DLY A 6 -5.32 -8.11 1.90
C DLY A 6 -3.89 -8.14 2.47
O DLY A 6 -3.48 -7.22 3.17
CB DLY A 6 -6.39 -8.49 2.92
CG DLY A 6 -7.61 -9.12 2.23
CD DLY A 6 -8.53 -9.78 3.25
CE DLY A 6 -9.63 -10.59 2.56
NZ DLY A 6 -9.22 -12.00 2.44
H DLY A 6 -6.23 -6.24 1.86
HA DLY A 6 -5.38 -8.83 1.09
HB2 DLY A 6 -6.71 -7.60 3.46
HB3 DLY A 6 -5.98 -9.18 3.65
HG2 DLY A 6 -7.26 -9.86 1.51
HG3 DLY A 6 -8.15 -8.36 1.68
HD2 DLY A 6 -8.98 -9.01 3.89
HD3 DLY A 6 -7.95 -10.43 3.91
HE2 DLY A 6 -9.82 -10.16 1.57
HE3 DLY A 6 -10.56 -10.51 3.13
HZ1 DLY A 6 -8.26 -12.10 2.70
HZ2 DLY A 6 -9.35 -12.31 1.49
HZ3 DLY A 6 -9.80 -12.57 3.04
N ARG A 7 -3.19 -9.21 2.15
CA ARG A 7 -1.82 -9.38 2.61
C ARG A 7 -0.84 -8.67 1.68
N TRP A 8 -1.41 -7.83 0.82
CA TRP A 8 -0.61 -7.08 -0.13
C TRP A 8 -0.37 -5.69 0.45
N ORN A 9 0.56 -4.93 -0.23
CA ORN A 9 0.91 -3.57 0.19
CB ORN A 9 1.46 -3.59 1.64
CG ORN A 9 1.20 -2.27 2.38
CD ORN A 9 0.31 -2.51 3.60
NE ORN A 9 0.70 -1.60 4.69
C ORN A 9 1.98 -3.08 -0.79
O ORN A 9 3.07 -3.65 -0.92
H ORN A 9 1.02 -5.29 -1.06
HA ORN A 9 0.02 -2.96 0.13
HB2 ORN A 9 0.99 -4.40 2.19
HB3 ORN A 9 2.53 -3.81 1.63
HG2 ORN A 9 2.16 -1.85 2.72
HG3 ORN A 9 0.74 -1.55 1.71
HD2 ORN A 9 -0.74 -2.30 3.37
HD3 ORN A 9 0.39 -3.53 3.98
HE1 ORN A 9 1.26 -0.80 4.34
HE2 ORN A 9 1.26 -2.08 5.41
HE3 ORN A 9 -0.11 -1.20 5.16
N DAB A 10 1.64 -1.94 -1.48
CA DAB A 10 2.54 -1.28 -2.41
C DAB A 10 2.79 0.12 -1.85
O DAB A 10 1.96 0.55 -1.04
CB DAB A 10 1.92 -1.14 -3.82
CG DAB A 10 2.96 -0.89 -4.90
ND DAB A 10 2.57 0.30 -5.69
H DAB A 10 0.73 -1.51 -1.33
HA DAB A 10 3.47 -1.84 -2.46
HB2 DAB A 10 1.35 -2.05 -4.06
HB3 DAB A 10 1.20 -0.32 -3.82
HG2 DAB A 10 3.95 -0.69 -4.49
HG3 DAB A 10 3.01 -1.72 -5.62
HD1 DAB A 10 2.97 1.17 -5.30
HD2 DAB A 10 1.54 0.43 -5.72
HD3 DAB A 10 2.90 0.22 -6.65
N ALA A 11 3.84 0.81 -2.27
CA ALA A 11 4.09 2.16 -1.80
C ALA A 11 3.65 3.16 -2.86
N LYS A 12 3.21 4.32 -2.40
CA LYS A 12 2.77 5.37 -3.31
C LYS A 12 2.74 6.71 -2.56
N DPR A 13 3.88 7.45 -2.67
CA DPR A 13 3.98 8.84 -2.16
CB DPR A 13 5.36 9.24 -2.72
CG DPR A 13 6.19 7.95 -2.72
CD DPR A 13 5.18 6.87 -3.09
C DPR A 13 3.82 9.00 -0.61
O DPR A 13 4.71 8.68 0.18
HA DPR A 13 3.22 9.49 -2.64
HB2 DPR A 13 5.85 10.06 -2.15
HB3 DPR A 13 5.25 9.62 -3.75
HG2 DPR A 13 7.06 7.99 -3.40
HG3 DPR A 13 6.59 7.76 -1.70
HD2 DPR A 13 5.40 5.91 -2.59
HD3 DPR A 13 5.19 6.68 -4.18
N PRO A 14 2.65 9.51 -0.17
CA PRO A 14 2.43 9.89 1.24
C PRO A 14 2.17 8.72 2.27
N THR A 1 2.26 7.67 1.45
CA THR A 1 1.28 6.73 1.94
C THR A 1 1.58 5.32 1.44
N TRP A 2 0.67 4.40 1.74
CA TRP A 2 0.83 3.02 1.32
C TRP A 2 -0.56 2.46 1.01
N LEU A 3 -0.56 1.34 0.31
CA LEU A 3 -1.80 0.68 -0.06
C LEU A 3 -2.10 -0.45 0.92
N DAB A 4 -3.43 -0.78 1.05
CA DAB A 4 -3.90 -1.84 1.92
C DAB A 4 -4.88 -2.67 1.06
O DAB A 4 -5.89 -2.11 0.66
CB DAB A 4 -4.64 -1.32 3.16
CG DAB A 4 -3.84 -1.45 4.43
ND DAB A 4 -4.35 -0.48 5.44
H DAB A 4 -4.13 -0.28 0.51
HA DAB A 4 -3.05 -2.46 2.21
HB2 DAB A 4 -4.92 -0.26 3.00
HB3 DAB A 4 -5.60 -1.86 3.27
HG2 DAB A 4 -3.93 -2.44 4.88
HG3 DAB A 4 -2.79 -1.20 4.29
HD1 DAB A 4 -4.53 -0.94 6.35
HD2 DAB A 4 -5.22 -0.03 5.13
HD3 DAB A 4 -3.66 0.27 5.60
N ORN A 5 -4.60 -4.01 0.85
CA ORN A 5 -5.50 -4.87 0.09
CB ORN A 5 -5.52 -4.46 -1.40
CG ORN A 5 -6.92 -4.53 -2.03
CD ORN A 5 -7.40 -5.96 -2.12
NE ORN A 5 -8.78 -6.05 -1.58
C ORN A 5 -4.97 -6.30 0.24
O ORN A 5 -4.04 -6.71 -0.43
H ORN A 5 -3.75 -4.42 1.20
HA ORN A 5 -6.50 -4.78 0.52
HB2 ORN A 5 -5.14 -3.44 -1.49
HB3 ORN A 5 -4.83 -5.10 -1.97
HG2 ORN A 5 -7.62 -3.94 -1.44
HG3 ORN A 5 -6.89 -4.08 -3.03
HD2 ORN A 5 -7.45 -6.33 -3.15
HD3 ORN A 5 -6.78 -6.64 -1.52
HE1 ORN A 5 -9.21 -6.97 -1.77
HE2 ORN A 5 -9.39 -5.32 -1.97
HE3 ORN A 5 -8.78 -5.94 -0.56
N DLY A 6 -5.61 -7.02 1.16
CA DLY A 6 -5.24 -8.40 1.42
C DLY A 6 -3.80 -8.45 1.93
O DLY A 6 -3.42 -7.66 2.79
CB DLY A 6 -6.25 -9.05 2.36
CG DLY A 6 -6.17 -10.59 2.27
CD DLY A 6 -6.09 -11.22 3.66
CE DLY A 6 -4.75 -11.92 3.88
NZ DLY A 6 -4.69 -12.53 5.21
H DLY A 6 -6.36 -6.67 1.71
HA DLY A 6 -5.29 -8.93 0.47
HB2 DLY A 6 -7.26 -8.73 2.11
HB3 DLY A 6 -6.06 -8.74 3.38
HG2 DLY A 6 -5.30 -10.87 1.69
HG3 DLY A 6 -7.04 -10.97 1.74
HD2 DLY A 6 -6.90 -11.92 3.79
HD3 DLY A 6 -6.23 -10.44 4.42
HE2 DLY A 6 -3.93 -11.20 3.76
HE3 DLY A 6 -4.61 -12.68 3.11
HZ1 DLY A 6 -3.75 -12.52 5.55
HZ2 DLY A 6 -5.02 -13.47 5.18
HZ3 DLY A 6 -5.27 -12.01 5.85
N ARG A 7 -3.04 -9.39 1.38
CA ARG A 7 -1.65 -9.55 1.76
C ARG A 7 -0.76 -8.58 0.97
N TRP A 8 -1.42 -7.65 0.30
CA TRP A 8 -0.70 -6.66 -0.50
C TRP A 8 -0.55 -5.40 0.34
N ORN A 9 0.48 -4.57 -0.02
CA ORN A 9 0.77 -3.31 0.67
CB ORN A 9 1.88 -3.52 1.72
CG ORN A 9 1.44 -3.15 3.14
CD ORN A 9 0.16 -3.87 3.52
NE ORN A 9 0.19 -4.22 4.96
C ORN A 9 1.21 -2.31 -0.40
O ORN A 9 0.46 -1.43 -0.82
H ORN A 9 1.09 -4.82 -0.80
HA ORN A 9 -0.15 -2.98 1.16
HB2 ORN A 9 2.20 -4.57 1.71
HB3 ORN A 9 2.76 -2.93 1.44
HG2 ORN A 9 2.23 -3.43 3.85
HG3 ORN A 9 1.30 -2.06 3.21
HD2 ORN A 9 -0.73 -3.24 3.37
HD3 ORN A 9 0.03 -4.80 2.96
HE1 ORN A 9 -0.75 -4.42 5.32
HE2 ORN A 9 0.60 -3.47 5.52
HE3 ORN A 9 0.76 -5.07 5.11
N DAB A 10 2.49 -2.51 -0.86
CA DAB A 10 3.08 -1.70 -1.93
C DAB A 10 3.11 -0.26 -1.40
O DAB A 10 2.32 0.01 -0.48
CB DAB A 10 2.26 -1.74 -3.22
CG DAB A 10 2.81 -0.82 -4.31
ND DAB A 10 4.16 -1.29 -4.70
H DAB A 10 3.06 -3.25 -0.49
HA DAB A 10 4.10 -2.06 -2.10
HB2 DAB A 10 2.22 -2.76 -3.61
HB3 DAB A 10 1.22 -1.46 -3.00
HG2 DAB A 10 2.20 -0.83 -5.21
HG3 DAB A 10 2.94 0.21 -3.95
HD1 DAB A 10 4.89 -0.95 -4.05
HD2 DAB A 10 4.42 -0.97 -5.64
HD3 DAB A 10 4.21 -2.31 -4.70
N ALA A 11 3.92 0.61 -1.96
CA ALA A 11 3.95 2.01 -1.53
C ALA A 11 3.50 2.90 -2.68
N LYS A 12 3.09 4.10 -2.32
CA LYS A 12 2.63 5.07 -3.31
C LYS A 12 2.62 6.47 -2.68
N DPR A 13 3.69 7.25 -3.00
CA DPR A 13 3.75 8.70 -2.63
CB DPR A 13 5.06 9.10 -3.37
CG DPR A 13 5.94 7.86 -3.33
CD DPR A 13 4.96 6.70 -3.50
C DPR A 13 3.74 8.98 -1.09
O DPR A 13 4.72 8.80 -0.37
HA DPR A 13 2.92 9.26 -3.09
HB2 DPR A 13 5.55 9.99 -2.92
HB3 DPR A 13 4.83 9.38 -4.42
HG2 DPR A 13 6.73 7.88 -4.10
HG3 DPR A 13 6.45 7.79 -2.34
HD2 DPR A 13 5.29 5.80 -2.94
HD3 DPR A 13 4.88 6.41 -4.57
N PRO A 14 2.60 9.49 -0.59
CA PRO A 14 2.50 9.99 0.81
C PRO A 14 2.42 8.92 1.96
N THR A 1 1.85 7.44 1.68
CA THR A 1 0.82 6.46 1.95
C THR A 1 1.26 5.07 1.48
N TRP A 2 0.33 4.13 1.56
CA TRP A 2 0.62 2.77 1.15
C TRP A 2 -0.70 2.11 0.73
N LEU A 3 -0.67 1.54 -0.47
CA LEU A 3 -1.85 0.88 -1.00
C LEU A 3 -1.90 -0.57 -0.50
N DAB A 4 -2.38 -0.72 0.79
CA DAB A 4 -2.53 -2.03 1.42
C DAB A 4 -3.87 -2.58 0.94
O DAB A 4 -4.85 -1.84 1.01
CB DAB A 4 -2.54 -1.92 2.96
CG DAB A 4 -2.16 -3.23 3.64
ND DAB A 4 -3.38 -3.87 4.19
H DAB A 4 -2.67 0.09 1.33
HA DAB A 4 -1.70 -2.67 1.09
HB2 DAB A 4 -1.88 -1.12 3.29
HB3 DAB A 4 -3.55 -1.62 3.29
HG2 DAB A 4 -1.71 -3.94 2.95
HG3 DAB A 4 -1.50 -3.06 4.50
HD1 DAB A 4 -3.43 -4.87 3.95
HD2 DAB A 4 -4.24 -3.42 3.84
HD3 DAB A 4 -3.40 -3.80 5.22
N ORN A 5 -3.93 -3.89 0.50
CA ORN A 5 -5.18 -4.50 0.08
CB ORN A 5 -5.40 -4.29 -1.43
CG ORN A 5 -6.85 -3.94 -1.79
CD ORN A 5 -7.12 -4.22 -3.26
NE ORN A 5 -7.47 -5.65 -3.44
C ORN A 5 -5.06 -6.00 0.39
O ORN A 5 -4.71 -6.80 -0.46
H ORN A 5 -3.09 -4.46 0.47
HA ORN A 5 -6.01 -4.05 0.65
HB2 ORN A 5 -4.76 -3.47 -1.78
HB3 ORN A 5 -5.09 -5.18 -1.99
HG2 ORN A 5 -7.55 -4.53 -1.18
HG3 ORN A 5 -7.04 -2.89 -1.57
HD2 ORN A 5 -7.97 -3.63 -3.65
HD3 ORN A 5 -6.24 -4.03 -3.89
HE1 ORN A 5 -6.99 -6.07 -4.24
HE2 ORN A 5 -8.48 -5.78 -3.58
HE3 ORN A 5 -7.21 -6.20 -2.61
N DLY A 6 -5.39 -6.31 1.64
CA DLY A 6 -5.35 -7.70 2.09
C DLY A 6 -3.93 -8.02 2.58
O DLY A 6 -3.35 -7.27 3.35
CB DLY A 6 -6.43 -7.95 3.15
CG DLY A 6 -6.53 -9.44 3.50
CD DLY A 6 -7.54 -9.68 4.61
CE DLY A 6 -7.13 -10.87 5.48
NZ DLY A 6 -8.20 -11.88 5.52
H DLY A 6 -5.68 -5.65 2.33
HA DLY A 6 -5.58 -8.33 1.24
HB2 DLY A 6 -7.39 -7.61 2.77
HB3 DLY A 6 -6.21 -7.37 4.05
HG2 DLY A 6 -5.54 -9.80 3.80
HG3 DLY A 6 -6.81 -10.01 2.61
HD2 DLY A 6 -8.52 -9.86 4.18
HD3 DLY A 6 -7.63 -8.79 5.22
HE2 DLY A 6 -6.90 -10.53 6.49
HE3 DLY A 6 -6.22 -11.32 5.09
HZ1 DLY A 6 -8.81 -11.68 6.29
HZ2 DLY A 6 -7.81 -12.78 5.64
HZ3 DLY A 6 -8.72 -11.85 4.67
N ARG A 7 -3.43 -9.16 2.11
CA ARG A 7 -2.10 -9.60 2.49
C ARG A 7 -1.05 -8.96 1.59
N TRP A 8 -1.50 -7.98 0.81
CA TRP A 8 -0.61 -7.28 -0.10
C TRP A 8 -0.54 -5.81 0.36
N ORN A 9 0.38 -5.05 -0.33
CA ORN A 9 0.60 -3.63 -0.02
CB ORN A 9 0.93 -3.46 1.47
CG ORN A 9 2.30 -4.02 1.86
CD ORN A 9 2.32 -4.41 3.33
NE ORN A 9 3.60 -3.96 3.93
C ORN A 9 1.76 -3.17 -0.90
O ORN A 9 2.80 -3.82 -1.01
H ORN A 9 0.95 -5.46 -1.07
HA ORN A 9 -0.32 -3.10 -0.28
HB2 ORN A 9 0.92 -2.38 1.72
HB3 ORN A 9 0.15 -3.92 2.09
HG2 ORN A 9 2.52 -4.91 1.25
HG3 ORN A 9 3.08 -3.28 1.66
HD2 ORN A 9 1.53 -3.93 3.90
HD3 ORN A 9 2.27 -5.50 3.47
HE1 ORN A 9 3.57 -2.97 4.20
HE2 ORN A 9 4.40 -4.10 3.29
HE3 ORN A 9 3.81 -4.50 4.79
N DAB A 10 1.56 -1.97 -1.53
CA DAB A 10 2.55 -1.32 -2.37
C DAB A 10 2.76 0.09 -1.79
O DAB A 10 1.84 0.53 -1.11
CB DAB A 10 2.10 -1.21 -3.83
CG DAB A 10 3.25 -0.92 -4.79
ND DAB A 10 2.93 0.29 -5.59
H DAB A 10 0.68 -1.48 -1.41
HA DAB A 10 3.49 -1.90 -2.29
HB2 DAB A 10 1.60 -2.13 -4.15
HB3 DAB A 10 1.36 -0.40 -3.92
HG2 DAB A 10 4.18 -0.69 -4.26
HG3 DAB A 10 3.41 -1.72 -5.51
HD1 DAB A 10 2.65 1.08 -5.01
HD2 DAB A 10 2.17 0.10 -6.26
HD3 DAB A 10 3.75 0.59 -6.14
N ALA A 11 3.86 0.75 -2.10
CA ALA A 11 4.06 2.10 -1.61
C ALA A 11 3.75 3.10 -2.73
N LYS A 12 3.26 4.26 -2.33
CA LYS A 12 2.91 5.30 -3.28
C LYS A 12 2.78 6.64 -2.55
N DPR A 13 3.90 7.41 -2.56
CA DPR A 13 3.92 8.82 -2.04
CB DPR A 13 5.30 9.27 -2.53
CG DPR A 13 6.18 8.01 -2.49
CD DPR A 13 5.24 6.89 -2.90
C DPR A 13 3.66 8.96 -0.50
O DPR A 13 4.53 8.67 0.34
HA DPR A 13 3.15 9.42 -2.57
HB2 DPR A 13 5.72 10.10 -1.94
HB3 DPR A 13 5.23 9.65 -3.58
HG2 DPR A 13 7.08 8.09 -3.13
HG3 DPR A 13 6.54 7.85 -1.45
HD2 DPR A 13 5.48 5.94 -2.39
HD3 DPR A 13 5.32 6.70 -4.00
N PRO A 14 2.46 9.45 -0.13
CA PRO A 14 2.16 9.81 1.27
C PRO A 14 1.88 8.65 2.29
N THR A 1 2.27 7.54 1.66
CA THR A 1 1.28 6.57 2.09
C THR A 1 1.60 5.18 1.52
N TRP A 2 0.69 4.26 1.75
CA TRP A 2 0.87 2.89 1.27
C TRP A 2 -0.51 2.31 0.98
N LEU A 3 -0.56 1.47 -0.05
CA LEU A 3 -1.81 0.84 -0.44
C LEU A 3 -2.25 -0.13 0.67
N DAB A 4 -3.39 -0.83 0.38
CA DAB A 4 -3.96 -1.83 1.30
C DAB A 4 -4.82 -2.77 0.43
O DAB A 4 -5.76 -2.25 -0.17
CB DAB A 4 -4.85 -1.20 2.38
CG DAB A 4 -4.30 -1.38 3.78
ND DAB A 4 -4.82 -2.67 4.34
H DAB A 4 -3.89 -0.69 -0.50
HA DAB A 4 -3.13 -2.38 1.76
HB2 DAB A 4 -4.97 -0.12 2.17
HB3 DAB A 4 -5.86 -1.63 2.32
HG2 DAB A 4 -3.21 -1.45 3.80
HG3 DAB A 4 -4.64 -0.61 4.47
HD1 DAB A 4 -5.53 -3.09 3.73
HD2 DAB A 4 -5.22 -2.54 5.27
HD3 DAB A 4 -4.05 -3.35 4.43
N ORN A 5 -4.52 -4.10 0.39
CA ORN A 5 -5.31 -5.06 -0.37
CB ORN A 5 -5.02 -4.92 -1.86
CG ORN A 5 -6.29 -4.73 -2.72
CD ORN A 5 -6.00 -5.05 -4.18
NE ORN A 5 -7.28 -5.26 -4.90
C ORN A 5 -4.92 -6.46 0.14
O ORN A 5 -4.07 -7.13 -0.45
H ORN A 5 -3.73 -4.47 0.92
HA ORN A 5 -6.37 -4.86 -0.16
HB2 ORN A 5 -4.36 -4.06 -2.04
HB3 ORN A 5 -4.46 -5.81 -2.22
HG2 ORN A 5 -7.08 -5.40 -2.36
HG3 ORN A 5 -6.65 -3.70 -2.61
HD2 ORN A 5 -5.49 -4.21 -4.68
HD3 ORN A 5 -5.41 -5.95 -4.31
HE1 ORN A 5 -7.23 -6.08 -5.52
HE2 ORN A 5 -7.54 -4.44 -5.46
HE3 ORN A 5 -8.05 -5.43 -4.23
N DLY A 6 -5.58 -6.85 1.22
CA DLY A 6 -5.32 -8.16 1.81
C DLY A 6 -3.93 -8.18 2.42
O DLY A 6 -3.53 -7.25 3.12
CB DLY A 6 -6.43 -8.51 2.80
CG DLY A 6 -6.71 -10.02 2.79
CD DLY A 6 -8.01 -10.34 3.54
CE DLY A 6 -8.02 -11.80 4.01
NZ DLY A 6 -9.39 -12.36 3.93
H DLY A 6 -6.26 -6.30 1.70
HA DLY A 6 -5.37 -8.89 1.00
HB2 DLY A 6 -7.34 -7.97 2.55
HB3 DLY A 6 -6.15 -8.19 3.80
HG2 DLY A 6 -5.88 -10.55 3.27
HG3 DLY A 6 -6.77 -10.38 1.76
HD2 DLY A 6 -8.86 -10.16 2.87
HD3 DLY A 6 -8.12 -9.68 4.38
HE2 DLY A 6 -7.66 -11.85 5.04
HE3 DLY A 6 -7.34 -12.40 3.40
HZ1 DLY A 6 -9.65 -12.45 2.97
HZ2 DLY A 6 -10.03 -11.75 4.38
HZ3 DLY A 6 -9.40 -13.26 4.36
N ARG A 7 -3.20 -9.25 2.12
CA ARG A 7 -1.85 -9.41 2.63
C ARG A 7 -0.85 -8.69 1.72
N TRP A 8 -1.39 -7.87 0.84
CA TRP A 8 -0.57 -7.12 -0.09
C TRP A 8 -0.31 -5.74 0.51
N ORN A 9 0.59 -4.95 -0.18
CA ORN A 9 0.95 -3.61 0.26
CB ORN A 9 1.49 -3.64 1.70
CG ORN A 9 1.27 -2.33 2.45
CD ORN A 9 0.39 -2.55 3.67
NE ORN A 9 1.25 -2.66 4.88
C ORN A 9 2.02 -3.11 -0.72
O ORN A 9 3.11 -3.66 -0.84
H ORN A 9 1.04 -5.31 -1.02
HA ORN A 9 0.05 -2.99 0.19
HB2 ORN A 9 1.00 -4.45 2.25
HB3 ORN A 9 2.56 -3.88 1.69
HG2 ORN A 9 2.23 -1.90 2.77
HG3 ORN A 9 0.79 -1.59 1.79
HD2 ORN A 9 -0.30 -1.72 3.85
HD3 ORN A 9 -0.19 -3.48 3.60
HE1 ORN A 9 0.76 -2.33 5.73
HE2 ORN A 9 2.12 -2.12 4.78
HE3 ORN A 9 1.51 -3.63 5.06
N DAB A 10 1.66 -1.98 -1.43
CA DAB A 10 2.56 -1.31 -2.37
C DAB A 10 2.78 0.10 -1.81
O DAB A 10 1.91 0.53 -1.05
CB DAB A 10 1.95 -1.21 -3.77
CG DAB A 10 2.72 -2.01 -4.81
ND DAB A 10 4.11 -1.50 -4.89
H DAB A 10 0.75 -1.56 -1.29
HA DAB A 10 3.51 -1.86 -2.39
HB2 DAB A 10 0.90 -1.54 -3.76
HB3 DAB A 10 1.93 -0.16 -4.07
HG2 DAB A 10 2.79 -3.07 -4.55
HG3 DAB A 10 2.30 -1.90 -5.82
HD1 DAB A 10 4.21 -0.76 -5.60
HD2 DAB A 10 4.78 -2.26 -5.13
HD3 DAB A 10 4.41 -1.12 -3.99
N ALA A 11 3.84 0.79 -2.20
CA ALA A 11 4.07 2.14 -1.74
C ALA A 11 3.61 3.12 -2.81
N LYS A 12 3.12 4.27 -2.36
CA LYS A 12 2.65 5.30 -3.25
C LYS A 12 2.66 6.65 -2.54
N DPR A 13 3.73 7.44 -2.81
CA DPR A 13 3.82 8.84 -2.33
CB DPR A 13 5.13 9.29 -3.02
CG DPR A 13 6.00 8.03 -3.06
CD DPR A 13 5.01 6.90 -3.32
C DPR A 13 3.79 9.04 -0.76
O DPR A 13 4.76 8.79 -0.06
HA DPR A 13 3.00 9.45 -2.75
HB2 DPR A 13 5.63 10.13 -2.49
HB3 DPR A 13 4.92 9.64 -4.05
HG2 DPR A 13 6.80 8.08 -3.81
HG3 DPR A 13 6.50 7.88 -2.07
HD2 DPR A 13 5.30 5.96 -2.81
HD3 DPR A 13 4.93 6.69 -4.41
N PRO A 14 2.63 9.50 -0.24
CA PRO A 14 2.52 9.90 1.18
C PRO A 14 2.41 8.75 2.25
N THR A 1 1.85 7.58 1.42
CA THR A 1 0.77 6.64 1.69
C THR A 1 1.17 5.23 1.27
N TRP A 2 0.23 4.31 1.38
CA TRP A 2 0.47 2.93 1.01
C TRP A 2 -0.84 2.35 0.45
N LEU A 3 -0.73 1.16 -0.10
CA LEU A 3 -1.88 0.49 -0.67
C LEU A 3 -2.13 -0.82 0.08
N DAB A 4 -2.55 -0.67 1.39
CA DAB A 4 -2.87 -1.79 2.25
C DAB A 4 -4.10 -2.48 1.62
O DAB A 4 -5.13 -1.82 1.55
CB DAB A 4 -3.24 -1.34 3.68
CG DAB A 4 -4.22 -0.18 3.69
ND DAB A 4 -5.52 -0.64 4.24
H DAB A 4 -2.66 0.27 1.77
HA DAB A 4 -2.02 -2.47 2.26
HB2 DAB A 4 -3.66 -2.19 4.24
HB3 DAB A 4 -2.32 -1.05 4.21
HG2 DAB A 4 -3.88 0.63 4.34
HG3 DAB A 4 -4.44 0.20 2.69
HD1 DAB A 4 -6.29 -0.02 3.97
HD2 DAB A 4 -5.50 -0.70 5.28
HD3 DAB A 4 -5.74 -1.59 3.90
N ORN A 5 -3.98 -3.79 1.21
CA ORN A 5 -5.11 -4.53 0.65
CB ORN A 5 -5.35 -4.10 -0.80
CG ORN A 5 -6.83 -4.07 -1.19
CD ORN A 5 -7.04 -3.28 -2.47
NE ORN A 5 -6.70 -4.14 -3.64
C ORN A 5 -4.73 -6.01 0.72
O ORN A 5 -3.81 -6.47 0.03
H ORN A 5 -3.09 -4.28 1.30
HA ORN A 5 -5.99 -4.32 1.27
HB2 ORN A 5 -4.93 -3.10 -0.97
HB3 ORN A 5 -4.81 -4.77 -1.50
HG2 ORN A 5 -7.21 -5.09 -1.32
HG3 ORN A 5 -7.41 -3.61 -0.38
HD2 ORN A 5 -8.09 -2.98 -2.61
HD3 ORN A 5 -6.39 -2.40 -2.53
HE1 ORN A 5 -5.69 -4.13 -3.82
HE2 ORN A 5 -7.18 -3.83 -4.49
HE3 ORN A 5 -6.96 -5.11 -3.46
N DLY A 6 -5.48 -6.73 1.55
CA DLY A 6 -5.26 -8.15 1.72
C DLY A 6 -3.78 -8.41 2.00
O DLY A 6 -3.20 -7.78 2.88
CB DLY A 6 -6.20 -8.72 2.78
CG DLY A 6 -7.18 -9.72 2.17
CD DLY A 6 -7.86 -10.56 3.25
CE DLY A 6 -8.99 -11.40 2.68
NZ DLY A 6 -8.78 -12.84 2.97
H DLY A 6 -6.22 -6.34 2.10
HA DLY A 6 -5.52 -8.63 0.77
HB2 DLY A 6 -6.76 -7.90 3.25
HB3 DLY A 6 -5.62 -9.20 3.57
HG2 DLY A 6 -6.66 -10.37 1.48
HG3 DLY A 6 -7.94 -9.20 1.60
HD2 DLY A 6 -8.25 -9.90 4.03
HD3 DLY A 6 -7.12 -11.20 3.73
HE2 DLY A 6 -9.05 -11.25 1.59
HE3 DLY A 6 -9.95 -11.08 3.09
HZ1 DLY A 6 -8.64 -12.96 3.96
HZ2 DLY A 6 -7.96 -13.16 2.49
HZ3 DLY A 6 -9.58 -13.36 2.68
N ARG A 7 -3.22 -9.34 1.25
CA ARG A 7 -1.81 -9.69 1.40
C ARG A 7 -0.93 -8.72 0.62
N TRP A 8 -1.56 -7.64 0.15
CA TRP A 8 -0.84 -6.64 -0.62
C TRP A 8 -0.76 -5.37 0.23
N ORN A 9 0.27 -4.52 -0.09
CA ORN A 9 0.50 -3.26 0.63
CB ORN A 9 1.52 -3.45 1.75
CG ORN A 9 1.12 -2.78 3.07
CD ORN A 9 0.42 -3.77 3.98
NE ORN A 9 1.43 -4.49 4.79
C ORN A 9 1.01 -2.26 -0.42
O ORN A 9 0.32 -1.32 -0.83
H ORN A 9 0.92 -4.75 -0.83
HA ORN A 9 -0.47 -2.93 1.03
HB2 ORN A 9 1.67 -4.52 1.93
HB3 ORN A 9 2.50 -3.07 1.43
HG2 ORN A 9 2.00 -2.38 3.56
HG3 ORN A 9 0.45 -1.93 2.85
HD2 ORN A 9 -0.25 -3.27 4.69
HD3 ORN A 9 -0.14 -4.53 3.42
HE1 ORN A 9 1.87 -5.25 4.26
HE2 ORN A 9 1.02 -4.89 5.64
HE3 ORN A 9 2.18 -3.85 5.09
N DAB A 10 2.28 -2.51 -0.87
CA DAB A 10 2.94 -1.71 -1.91
C DAB A 10 3.01 -0.28 -1.35
O DAB A 10 2.24 -0.01 -0.42
CB DAB A 10 2.14 -1.70 -3.21
CG DAB A 10 2.74 -0.77 -4.26
ND DAB A 10 4.14 -1.19 -4.55
H DAB A 10 2.80 -3.30 -0.50
HA DAB A 10 3.95 -2.11 -2.06
HB2 DAB A 10 2.08 -2.71 -3.64
HB3 DAB A 10 1.11 -1.38 -3.01
HG2 DAB A 10 2.21 -0.80 -5.21
HG3 DAB A 10 2.82 0.27 -3.91
HD1 DAB A 10 4.17 -2.11 -5.03
HD2 DAB A 10 4.70 -1.27 -3.70
HD3 DAB A 10 4.61 -0.51 -5.16
N ALA A 11 3.84 0.58 -1.91
CA ALA A 11 3.91 1.96 -1.45
C ALA A 11 3.66 2.90 -2.63
N LYS A 12 3.24 4.11 -2.30
CA LYS A 12 2.95 5.11 -3.32
C LYS A 12 2.87 6.49 -2.67
N DPR A 13 4.02 7.21 -2.72
CA DPR A 13 4.08 8.65 -2.28
CB DPR A 13 5.51 9.02 -2.75
CG DPR A 13 6.32 7.73 -2.60
CD DPR A 13 5.35 6.62 -2.99
C DPR A 13 3.79 8.90 -0.76
O DPR A 13 4.61 8.63 0.12
HA DPR A 13 3.37 9.26 -2.87
HB2 DPR A 13 5.94 9.86 -2.19
HB3 DPR A 13 5.48 9.33 -3.82
HG2 DPR A 13 7.24 7.72 -3.20
HG3 DPR A 13 6.63 7.60 -1.54
HD2 DPR A 13 5.52 5.70 -2.40
HD3 DPR A 13 5.45 6.37 -4.06
N PRO A 14 2.59 9.44 -0.46
CA PRO A 14 2.26 9.91 0.91
C PRO A 14 1.91 8.82 1.98
N THR A 1 1.87 7.52 1.43
CA THR A 1 0.82 6.58 1.75
C THR A 1 1.21 5.17 1.28
N TRP A 2 0.27 4.25 1.42
CA TRP A 2 0.50 2.87 1.03
C TRP A 2 -0.81 2.30 0.51
N LEU A 3 -0.70 1.15 -0.16
CA LEU A 3 -1.87 0.49 -0.71
C LEU A 3 -2.13 -0.81 0.06
N DAB A 4 -2.59 -0.63 1.34
CA DAB A 4 -2.93 -1.74 2.23
C DAB A 4 -4.13 -2.44 1.59
O DAB A 4 -5.17 -1.79 1.46
CB DAB A 4 -3.33 -1.27 3.64
CG DAB A 4 -2.12 -1.04 4.55
ND DAB A 4 -2.30 0.25 5.27
H DAB A 4 -2.73 0.31 1.71
HA DAB A 4 -2.07 -2.42 2.27
HB2 DAB A 4 -3.92 -0.34 3.57
HB3 DAB A 4 -3.99 -2.01 4.10
HG2 DAB A 4 -2.03 -1.81 5.31
HG3 DAB A 4 -1.20 -0.95 3.99
HD1 DAB A 4 -2.99 0.18 6.03
HD2 DAB A 4 -2.60 1.00 4.63
HD3 DAB A 4 -1.41 0.55 5.69
N ORN A 5 -4.01 -3.77 1.21
CA ORN A 5 -5.12 -4.52 0.64
CB ORN A 5 -5.36 -4.09 -0.82
CG ORN A 5 -6.81 -4.20 -1.25
CD ORN A 5 -6.97 -3.85 -2.74
NE ORN A 5 -7.43 -5.06 -3.46
C ORN A 5 -4.73 -6.00 0.72
O ORN A 5 -3.81 -6.45 0.06
H ORN A 5 -3.13 -4.25 1.34
HA ORN A 5 -6.02 -4.32 1.24
HB2 ORN A 5 -5.01 -3.06 -0.96
HB3 ORN A 5 -4.73 -4.71 -1.49
HG2 ORN A 5 -7.20 -5.21 -1.07
HG3 ORN A 5 -7.43 -3.51 -0.66
HD2 ORN A 5 -7.71 -3.08 -2.90
HD3 ORN A 5 -6.02 -3.56 -3.18
HE1 ORN A 5 -8.36 -5.37 -3.14
HE2 ORN A 5 -6.78 -5.85 -3.36
HE3 ORN A 5 -7.51 -4.87 -4.47
N DLY A 6 -5.50 -6.72 1.54
CA DLY A 6 -5.27 -8.14 1.71
C DLY A 6 -3.79 -8.38 2.00
O DLY A 6 -3.21 -7.75 2.89
CB DLY A 6 -6.21 -8.71 2.77
CG DLY A 6 -6.43 -10.21 2.57
CD DLY A 6 -7.58 -10.73 3.43
CE DLY A 6 -7.31 -12.15 3.92
NZ DLY A 6 -8.51 -12.70 4.58
H DLY A 6 -6.25 -6.34 2.07
HA DLY A 6 -5.51 -8.63 0.76
HB2 DLY A 6 -7.16 -8.19 2.73
HB3 DLY A 6 -5.80 -8.53 3.76
HG2 DLY A 6 -5.52 -10.76 2.82
HG3 DLY A 6 -6.64 -10.41 1.51
HD2 DLY A 6 -8.51 -10.70 2.86
HD3 DLY A 6 -7.71 -10.07 4.29
HE2 DLY A 6 -6.47 -12.15 4.61
HE3 DLY A 6 -7.03 -12.78 3.07
HZ1 DLY A 6 -8.50 -12.47 5.55
HZ2 DLY A 6 -8.52 -13.70 4.47
HZ3 DLY A 6 -9.34 -12.32 4.15
N ARG A 7 -3.21 -9.31 1.26
CA ARG A 7 -1.81 -9.65 1.43
C ARG A 7 -0.93 -8.68 0.64
N TRP A 8 -1.56 -7.62 0.16
CA TRP A 8 -0.85 -6.61 -0.60
C TRP A 8 -0.74 -5.35 0.25
N ORN A 9 0.29 -4.50 -0.08
CA ORN A 9 0.53 -3.25 0.63
CB ORN A 9 1.58 -3.45 1.74
CG ORN A 9 1.22 -2.77 3.06
CD ORN A 9 0.40 -3.70 3.94
NE ORN A 9 0.81 -3.53 5.35
C ORN A 9 1.03 -2.25 -0.41
O ORN A 9 0.35 -1.31 -0.79
H ORN A 9 0.92 -4.73 -0.84
HA ORN A 9 -0.42 -2.91 1.07
HB2 ORN A 9 1.71 -4.53 1.93
HB3 ORN A 9 2.56 -3.09 1.40
HG2 ORN A 9 2.13 -2.48 3.59
HG3 ORN A 9 0.65 -1.85 2.85
HD2 ORN A 9 -0.67 -3.46 3.89
HD3 ORN A 9 0.54 -4.75 3.68
HE1 ORN A 9 0.38 -2.71 5.79
HE2 ORN A 9 1.83 -3.44 5.44
HE3 ORN A 9 0.54 -4.35 5.91
N DAB A 10 2.29 -2.50 -0.90
CA DAB A 10 2.93 -1.70 -1.93
C DAB A 10 3.03 -0.28 -1.36
O DAB A 10 2.29 -0.01 -0.43
CB DAB A 10 2.11 -1.66 -3.23
CG DAB A 10 2.71 -0.73 -4.28
ND DAB A 10 4.08 -1.19 -4.61
H DAB A 10 2.82 -3.30 -0.54
HA DAB A 10 3.93 -2.11 -2.11
HB2 DAB A 10 2.03 -2.68 -3.65
HB3 DAB A 10 1.09 -1.34 -3.00
HG2 DAB A 10 2.14 -0.74 -5.21
HG3 DAB A 10 2.82 0.29 -3.91
HD1 DAB A 10 4.79 -0.47 -4.42
HD2 DAB A 10 4.15 -1.46 -5.61
HD3 DAB A 10 4.33 -2.02 -4.07
N ALA A 11 3.87 0.58 -1.93
CA ALA A 11 3.97 1.95 -1.46
C ALA A 11 3.71 2.90 -2.62
N LYS A 12 3.24 4.09 -2.28
CA LYS A 12 2.95 5.10 -3.29
C LYS A 12 2.87 6.47 -2.62
N DPR A 13 3.97 7.25 -2.76
CA DPR A 13 4.01 8.68 -2.32
CB DPR A 13 5.41 9.09 -2.81
CG DPR A 13 6.26 7.81 -2.68
CD DPR A 13 5.30 6.69 -3.06
C DPR A 13 3.74 8.92 -0.80
O DPR A 13 4.58 8.69 0.06
HA DPR A 13 3.26 9.28 -2.89
HB2 DPR A 13 5.84 9.94 -2.25
HB3 DPR A 13 5.37 9.40 -3.87
HG2 DPR A 13 7.18 7.83 -3.31
HG3 DPR A 13 6.59 7.69 -1.63
HD2 DPR A 13 5.51 5.77 -2.49
HD3 DPR A 13 5.40 6.44 -4.14
N PRO A 14 2.52 9.42 -0.47
CA PRO A 14 2.20 9.86 0.91
C PRO A 14 1.94 8.76 1.98
N THR A 1 1.88 7.48 1.55
CA THR A 1 0.79 6.55 1.79
C THR A 1 1.22 5.12 1.47
N TRP A 2 0.27 4.21 1.59
CA TRP A 2 0.53 2.80 1.32
C TRP A 2 -0.80 2.12 1.00
N LEU A 3 -0.87 1.59 -0.22
CA LEU A 3 -2.07 0.90 -0.66
C LEU A 3 -2.13 -0.49 -0.02
N DAB A 4 -2.96 -0.60 1.08
CA DAB A 4 -3.16 -1.85 1.79
C DAB A 4 -4.32 -2.56 1.07
O DAB A 4 -5.39 -1.96 0.99
CB DAB A 4 -3.57 -1.62 3.25
CG DAB A 4 -2.37 -1.42 4.17
ND DAB A 4 -2.73 -0.48 5.26
H DAB A 4 -3.47 0.22 1.40
HA DAB A 4 -2.25 -2.44 1.72
HB2 DAB A 4 -4.23 -0.75 3.33
HB3 DAB A 4 -4.16 -2.47 3.61
HG2 DAB A 4 -2.06 -2.35 4.65
HG3 DAB A 4 -1.53 -0.96 3.66
HD1 DAB A 4 -1.91 -0.16 5.79
HD2 DAB A 4 -3.40 -0.91 5.93
HD3 DAB A 4 -3.19 0.36 4.88
N ORN A 5 -4.11 -3.83 0.58
CA ORN A 5 -5.17 -4.60 -0.08
CB ORN A 5 -5.15 -4.34 -1.60
CG ORN A 5 -6.54 -4.18 -2.20
CD ORN A 5 -7.17 -2.85 -1.81
NE ORN A 5 -6.73 -1.80 -2.77
C ORN A 5 -4.89 -6.06 0.22
O ORN A 5 -4.28 -6.78 -0.56
H ORN A 5 -3.19 -4.28 0.66
HA ORN A 5 -6.12 -4.29 0.35
HB2 ORN A 5 -4.57 -3.43 -1.81
HB3 ORN A 5 -4.62 -5.15 -2.11
HG2 ORN A 5 -6.49 -4.25 -3.29
HG3 ORN A 5 -7.19 -5.01 -1.86
HD2 ORN A 5 -8.25 -2.88 -1.86
HD3 ORN A 5 -6.84 -2.53 -0.81
HE1 ORN A 5 -7.26 -1.85 -3.64
HE2 ORN A 5 -5.73 -1.89 -3.00
HE3 ORN A 5 -6.86 -0.87 -2.37
N DLY A 6 -5.39 -6.48 1.38
CA DLY A 6 -5.23 -7.87 1.81
C DLY A 6 -3.81 -8.08 2.34
O DLY A 6 -3.31 -7.26 3.11
CB DLY A 6 -6.33 -8.25 2.81
CG DLY A 6 -7.22 -9.35 2.24
CD DLY A 6 -8.32 -9.73 3.23
CE DLY A 6 -7.86 -10.86 4.16
NZ DLY A 6 -7.44 -10.31 5.46
H DLY A 6 -5.89 -5.90 2.02
HA DLY A 6 -5.36 -8.50 0.92
HB2 DLY A 6 -6.92 -7.37 3.05
HB3 DLY A 6 -5.87 -8.59 3.73
HG2 DLY A 6 -6.63 -10.23 2.00
HG3 DLY A 6 -7.67 -9.01 1.30
HD2 DLY A 6 -9.22 -10.04 2.69
HD3 DLY A 6 -8.59 -8.86 3.82
HE2 DLY A 6 -7.03 -11.40 3.69
HE3 DLY A 6 -8.67 -11.57 4.29
HZ1 DLY A 6 -8.22 -10.30 6.08
HZ2 DLY A 6 -7.09 -9.39 5.34
HZ3 DLY A 6 -6.72 -10.89 5.85
N ARG A 7 -3.20 -9.17 1.91
CA ARG A 7 -1.85 -9.49 2.34
C ARG A 7 -0.83 -8.77 1.45
N TRP A 8 -1.33 -7.83 0.67
CA TRP A 8 -0.47 -7.06 -0.22
C TRP A 8 -0.33 -5.64 0.37
N ORN A 9 0.73 -4.92 -0.13
CA ORN A 9 1.03 -3.57 0.32
CB ORN A 9 1.65 -3.59 1.72
CG ORN A 9 0.94 -2.66 2.71
CD ORN A 9 0.61 -3.41 3.99
NE ORN A 9 1.83 -3.53 4.83
C ORN A 9 2.01 -2.97 -0.70
O ORN A 9 3.19 -3.29 -0.74
H ORN A 9 1.36 -5.33 -0.83
HA ORN A 9 0.09 -3.00 0.32
HB2 ORN A 9 1.62 -4.61 2.12
HB3 ORN A 9 2.71 -3.31 1.66
HG2 ORN A 9 1.59 -1.80 2.95
HG3 ORN A 9 0.02 -2.26 2.26
HD2 ORN A 9 -0.13 -2.87 4.61
HD3 ORN A 9 0.26 -4.42 3.81
HE1 ORN A 9 1.97 -4.49 5.16
HE2 ORN A 9 1.80 -2.92 5.66
HE3 ORN A 9 2.66 -3.26 4.29
N DAB A 10 1.45 -2.05 -1.55
CA DAB A 10 2.21 -1.33 -2.56
C DAB A 10 2.44 0.08 -1.99
O DAB A 10 1.47 0.65 -1.52
CB DAB A 10 1.45 -1.19 -3.89
CG DAB A 10 0.00 -0.80 -3.70
ND DAB A 10 -0.36 0.25 -4.70
H DAB A 10 0.45 -1.81 -1.47
HA DAB A 10 3.17 -1.85 -2.70
HB2 DAB A 10 1.95 -0.46 -4.54
HB3 DAB A 10 1.51 -2.15 -4.43
HG2 DAB A 10 -0.69 -1.64 -3.88
HG3 DAB A 10 -0.19 -0.36 -2.72
HD1 DAB A 10 -1.37 0.28 -4.89
HD2 DAB A 10 0.13 0.10 -5.59
HD3 DAB A 10 -0.08 1.18 -4.36
N ALA A 11 3.66 0.61 -2.06
CA ALA A 11 3.92 1.96 -1.58
C ALA A 11 3.69 2.96 -2.71
N LYS A 12 3.20 4.12 -2.34
CA LYS A 12 2.92 5.17 -3.31
C LYS A 12 2.90 6.52 -2.60
N DPR A 13 4.09 7.18 -2.57
CA DPR A 13 4.22 8.59 -2.06
CB DPR A 13 5.68 8.89 -2.47
CG DPR A 13 6.41 7.56 -2.34
CD DPR A 13 5.39 6.53 -2.82
C DPR A 13 3.88 8.78 -0.54
O DPR A 13 4.65 8.42 0.35
HA DPR A 13 3.56 9.26 -2.65
HB2 DPR A 13 6.13 9.69 -1.85
HB3 DPR A 13 5.71 9.25 -3.52
HG2 DPR A 13 7.35 7.52 -2.93
HG3 DPR A 13 6.68 7.37 -1.29
HD2 DPR A 13 5.49 5.56 -2.27
HD3 DPR A 13 5.52 6.31 -3.91
N PRO A 14 2.71 9.40 -0.26
CA PRO A 14 2.36 9.82 1.12
C PRO A 14 1.90 8.71 2.13
N THR A 1 1.78 7.47 1.59
CA THR A 1 0.66 6.57 1.78
C THR A 1 1.07 5.14 1.46
N TRP A 2 0.08 4.25 1.50
CA TRP A 2 0.34 2.84 1.22
C TRP A 2 -1.00 2.20 0.80
N LEU A 3 -0.96 1.54 -0.35
CA LEU A 3 -2.14 0.88 -0.87
C LEU A 3 -2.19 -0.56 -0.35
N DAB A 4 -2.52 -0.69 0.98
CA DAB A 4 -2.65 -1.98 1.65
C DAB A 4 -3.94 -2.61 1.10
O DAB A 4 -4.97 -1.96 1.20
CB DAB A 4 -2.77 -1.84 3.17
CG DAB A 4 -1.42 -1.74 3.86
ND DAB A 4 -1.39 -2.68 5.02
H DAB A 4 -2.71 0.14 1.54
HA DAB A 4 -1.78 -2.59 1.38
HB2 DAB A 4 -3.38 -0.95 3.42
HB3 DAB A 4 -3.32 -2.70 3.58
HG2 DAB A 4 -0.59 -2.01 3.20
HG3 DAB A 4 -1.24 -0.74 4.30
HD1 DAB A 4 -0.53 -2.57 5.57
HD2 DAB A 4 -1.44 -3.66 4.70
HD3 DAB A 4 -2.18 -2.51 5.64
N ORN A 5 -3.89 -3.88 0.57
CA ORN A 5 -5.07 -4.56 0.08
CB ORN A 5 -5.22 -4.35 -1.44
CG ORN A 5 -6.68 -4.17 -1.88
CD ORN A 5 -6.98 -5.05 -3.09
NE ORN A 5 -8.40 -5.46 -3.04
C ORN A 5 -4.88 -6.05 0.40
O ORN A 5 -4.40 -6.82 -0.42
H ORN A 5 -3.00 -4.38 0.51
HA ORN A 5 -5.94 -4.17 0.61
HB2 ORN A 5 -4.65 -3.47 -1.74
HB3 ORN A 5 -4.78 -5.20 -1.98
HG2 ORN A 5 -7.36 -4.42 -1.07
HG3 ORN A 5 -6.85 -3.12 -2.13
HD2 ORN A 5 -6.85 -4.51 -4.04
HD3 ORN A 5 -6.39 -5.97 -3.09
HE1 ORN A 5 -8.66 -6.05 -3.85
HE2 ORN A 5 -9.05 -4.65 -3.04
HE3 ORN A 5 -8.61 -6.00 -2.19
N DLY A 6 -5.30 -6.41 1.61
CA DLY A 6 -5.20 -7.78 2.05
C DLY A 6 -3.77 -8.07 2.51
O DLY A 6 -3.20 -7.31 3.29
CB DLY A 6 -6.26 -8.07 3.12
CG DLY A 6 -7.24 -9.14 2.64
CD DLY A 6 -7.96 -9.80 3.81
CE DLY A 6 -9.38 -10.23 3.41
NZ DLY A 6 -10.38 -9.25 3.89
H DLY A 6 -5.68 -5.77 2.27
HA DLY A 6 -5.42 -8.43 1.20
HB2 DLY A 6 -6.80 -7.16 3.35
HB3 DLY A 6 -5.78 -8.41 4.04
HG2 DLY A 6 -6.71 -9.91 2.07
HG3 DLY A 6 -7.97 -8.70 1.95
HD2 DLY A 6 -8.02 -9.10 4.64
HD3 DLY A 6 -7.40 -10.66 4.16
HE2 DLY A 6 -9.60 -11.21 3.85
HE3 DLY A 6 -9.44 -10.34 2.33
HZ1 DLY A 6 -10.18 -8.36 3.47
HZ2 DLY A 6 -10.32 -9.16 4.89
HZ3 DLY A 6 -11.30 -9.54 3.63
N ARG A 7 -3.23 -9.18 2.03
CA ARG A 7 -1.88 -9.57 2.38
C ARG A 7 -0.86 -8.87 1.48
N TRP A 8 -1.36 -7.88 0.74
CA TRP A 8 -0.52 -7.12 -0.15
C TRP A 8 -0.52 -5.66 0.31
N ORN A 9 0.36 -4.84 -0.35
CA ORN A 9 0.49 -3.42 -0.03
CB ORN A 9 0.71 -3.22 1.47
CG ORN A 9 1.95 -3.94 2.00
CD ORN A 9 1.77 -4.34 3.47
NE ORN A 9 2.51 -3.38 4.33
C ORN A 9 1.70 -2.90 -0.83
O ORN A 9 2.84 -3.28 -0.60
H ORN A 9 0.97 -5.21 -1.08
HA ORN A 9 -0.42 -2.91 -0.36
HB2 ORN A 9 0.81 -2.15 1.69
HB3 ORN A 9 -0.18 -3.57 2.03
HG2 ORN A 9 2.15 -4.85 1.41
HG3 ORN A 9 2.83 -3.30 1.90
HD2 ORN A 9 0.72 -4.28 3.78
HD3 ORN A 9 2.17 -5.33 3.68
HE1 ORN A 9 3.35 -3.80 4.74
HE2 ORN A 9 1.93 -3.02 5.09
HE3 ORN A 9 2.81 -2.56 3.78
N DAB A 10 1.38 -1.98 -1.79
CA DAB A 10 2.39 -1.32 -2.62
C DAB A 10 2.54 0.11 -2.06
O DAB A 10 1.50 0.71 -1.79
CB DAB A 10 1.96 -1.22 -4.10
CG DAB A 10 0.54 -0.71 -4.27
ND DAB A 10 0.29 -0.42 -5.70
H DAB A 10 0.42 -1.69 -1.94
HA DAB A 10 3.33 -1.87 -2.52
HB2 DAB A 10 2.65 -0.56 -4.64
HB3 DAB A 10 2.05 -2.21 -4.56
HG2 DAB A 10 -0.21 -1.46 -3.97
HG3 DAB A 10 0.36 0.23 -3.73
HD1 DAB A 10 -0.54 0.18 -5.84
HD2 DAB A 10 0.16 -1.28 -6.25
HD3 DAB A 10 1.09 0.09 -6.10
N ALA A 11 3.76 0.62 -1.93
CA ALA A 11 3.96 1.97 -1.44
C ALA A 11 3.80 2.95 -2.61
N LYS A 12 3.29 4.14 -2.28
CA LYS A 12 3.09 5.16 -3.28
C LYS A 12 3.00 6.53 -2.59
N DPR A 13 4.19 7.16 -2.44
CA DPR A 13 4.29 8.57 -1.94
CB DPR A 13 5.75 8.90 -2.30
CG DPR A 13 6.50 7.57 -2.15
CD DPR A 13 5.51 6.52 -2.64
C DPR A 13 3.90 8.78 -0.42
O DPR A 13 4.65 8.44 0.49
HA DPR A 13 3.63 9.24 -2.54
HB2 DPR A 13 6.18 9.71 -1.67
HB3 DPR A 13 5.81 9.26 -3.35
HG2 DPR A 13 7.47 7.55 -2.70
HG3 DPR A 13 6.73 7.40 -1.08
HD2 DPR A 13 5.60 5.57 -2.09
HD3 DPR A 13 5.67 6.31 -3.72
N PRO A 14 2.72 9.39 -0.18
CA PRO A 14 2.32 9.81 1.18
C PRO A 14 1.81 8.70 2.17
N THR A 1 2.27 7.65 1.44
CA THR A 1 1.25 6.73 1.91
C THR A 1 1.56 5.30 1.43
N TRP A 2 0.63 4.40 1.71
CA TRP A 2 0.79 3.02 1.32
C TRP A 2 -0.59 2.44 1.04
N LEU A 3 -0.61 1.36 0.28
CA LEU A 3 -1.86 0.70 -0.07
C LEU A 3 -2.14 -0.42 0.94
N DAB A 4 -3.44 -0.89 0.94
CA DAB A 4 -3.89 -1.96 1.82
C DAB A 4 -4.84 -2.82 0.96
O DAB A 4 -5.91 -2.30 0.61
CB DAB A 4 -4.65 -1.45 3.04
CG DAB A 4 -3.82 -1.50 4.31
ND DAB A 4 -3.95 -2.84 4.93
H DAB A 4 -4.13 -0.49 0.31
HA DAB A 4 -3.02 -2.55 2.11
HB2 DAB A 4 -4.98 -0.42 2.87
HB3 DAB A 4 -5.56 -2.04 3.19
HG2 DAB A 4 -2.75 -1.35 4.12
HG3 DAB A 4 -4.17 -0.79 5.07
HD1 DAB A 4 -3.16 -3.46 4.69
HD2 DAB A 4 -4.82 -3.31 4.64
HD3 DAB A 4 -3.97 -2.76 5.96
N ORN A 5 -4.50 -4.12 0.68
CA ORN A 5 -5.37 -5.00 -0.09
CB ORN A 5 -5.30 -4.67 -1.58
CG ORN A 5 -6.39 -5.37 -2.41
CD ORN A 5 -5.75 -6.28 -3.46
NE ORN A 5 -5.82 -7.69 -2.99
C ORN A 5 -4.87 -6.43 0.18
O ORN A 5 -3.98 -6.93 -0.51
H ORN A 5 -3.61 -4.49 0.99
HA ORN A 5 -6.39 -4.88 0.29
HB2 ORN A 5 -5.40 -3.59 -1.72
HB3 ORN A 5 -4.31 -4.94 -1.98
HG2 ORN A 5 -7.03 -5.95 -1.76
HG3 ORN A 5 -7.01 -4.61 -2.90
HD2 ORN A 5 -6.28 -6.25 -4.41
HD3 ORN A 5 -4.70 -6.05 -3.62
HE1 ORN A 5 -6.55 -8.21 -3.47
HE2 ORN A 5 -5.99 -7.74 -1.97
HE3 ORN A 5 -4.93 -8.17 -3.17
N DLY A 6 -5.49 -7.05 1.17
CA DLY A 6 -5.14 -8.42 1.53
C DLY A 6 -3.69 -8.46 2.02
O DLY A 6 -3.30 -7.67 2.87
CB DLY A 6 -6.16 -8.97 2.53
CG DLY A 6 -6.55 -10.41 2.17
CD DLY A 6 -7.69 -10.90 3.07
CE DLY A 6 -7.19 -11.12 4.50
NZ DLY A 6 -8.32 -11.49 5.39
H DLY A 6 -6.21 -6.64 1.73
HA DLY A 6 -5.22 -9.02 0.62
HB2 DLY A 6 -7.03 -8.34 2.56
HB3 DLY A 6 -5.72 -8.96 3.54
HG2 DLY A 6 -5.69 -11.07 2.27
HG3 DLY A 6 -6.86 -10.45 1.12
HD2 DLY A 6 -8.08 -11.83 2.68
HD3 DLY A 6 -8.50 -10.18 3.07
HE2 DLY A 6 -6.72 -10.22 4.87
HE3 DLY A 6 -6.44 -11.91 4.52
HZ1 DLY A 6 -9.09 -11.81 4.83
HZ2 DLY A 6 -8.60 -10.69 5.93
HZ3 DLY A 6 -8.03 -12.22 6.01
N ARG A 7 -2.94 -9.39 1.45
CA ARG A 7 -1.54 -9.55 1.82
C ARG A 7 -0.67 -8.56 1.04
N TRP A 8 -1.34 -7.63 0.37
CA TRP A 8 -0.65 -6.63 -0.41
C TRP A 8 -0.69 -5.31 0.35
N ORN A 9 0.32 -4.43 0.05
CA ORN A 9 0.43 -3.12 0.69
CB ORN A 9 1.42 -3.18 1.86
CG ORN A 9 2.60 -4.12 1.60
CD ORN A 9 2.83 -5.04 2.80
NE ORN A 9 2.56 -6.44 2.41
C ORN A 9 0.92 -2.14 -0.39
O ORN A 9 0.23 -1.21 -0.79
H ORN A 9 1.03 -4.67 -0.64
HA ORN A 9 -0.57 -2.83 1.04
HB2 ORN A 9 1.82 -2.17 2.06
HB3 ORN A 9 0.90 -3.48 2.78
HG2 ORN A 9 2.42 -4.72 0.71
HG3 ORN A 9 3.51 -3.53 1.41
HD2 ORN A 9 3.86 -5.00 3.16
HD3 ORN A 9 2.15 -4.81 3.63
HE1 ORN A 9 1.57 -6.70 2.56
HE2 ORN A 9 3.14 -7.10 2.92
HE3 ORN A 9 2.75 -6.58 1.40
N DAB A 10 2.17 -2.42 -0.88
CA DAB A 10 2.80 -1.65 -1.94
C DAB A 10 2.93 -0.22 -1.41
O DAB A 10 2.17 0.10 -0.50
CB DAB A 10 1.95 -1.63 -3.23
CG DAB A 10 2.24 -0.42 -4.10
ND DAB A 10 3.62 -0.50 -4.62
H DAB A 10 2.70 -3.21 -0.51
HA DAB A 10 3.79 -2.08 -2.14
HB2 DAB A 10 2.13 -2.55 -3.80
HB3 DAB A 10 0.89 -1.64 -2.95
HG2 DAB A 10 1.58 -0.38 -4.98
HG3 DAB A 10 2.17 0.52 -3.54
HD1 DAB A 10 4.22 -1.11 -4.04
HD2 DAB A 10 4.07 0.43 -4.65
HD3 DAB A 10 3.64 -0.88 -5.58
N ALA A 11 3.81 0.60 -1.98
CA ALA A 11 3.94 1.97 -1.54
C ALA A 11 3.53 2.91 -2.69
N LYS A 12 3.14 4.12 -2.31
CA LYS A 12 2.73 5.11 -3.29
C LYS A 12 2.76 6.50 -2.65
N DPR A 13 3.84 7.25 -2.97
CA DPR A 13 3.95 8.70 -2.58
CB DPR A 13 5.30 9.06 -3.25
CG DPR A 13 6.13 7.78 -3.19
CD DPR A 13 5.12 6.66 -3.42
C DPR A 13 3.88 8.97 -1.04
O DPR A 13 4.83 8.77 -0.29
HA DPR A 13 3.16 9.30 -3.07
HB2 DPR A 13 5.81 9.92 -2.77
HB3 DPR A 13 5.13 9.35 -4.31
HG2 DPR A 13 6.96 7.77 -3.93
HG3 DPR A 13 6.59 7.68 -2.19
HD2 DPR A 13 5.38 5.75 -2.85
HD3 DPR A 13 5.07 6.38 -4.49
N PRO A 14 2.72 9.48 -0.57
CA PRO A 14 2.57 9.97 0.82
C PRO A 14 2.42 8.90 1.96
N THR A 1 2.35 7.77 1.38
CA THR A 1 1.38 6.87 1.96
C THR A 1 1.64 5.43 1.52
N TRP A 2 0.72 4.55 1.90
CA TRP A 2 0.83 3.14 1.55
C TRP A 2 -0.58 2.59 1.33
N LEU A 3 -0.65 1.52 0.57
CA LEU A 3 -1.92 0.88 0.27
C LEU A 3 -2.07 -0.38 1.13
N DAB A 4 -3.34 -0.89 1.19
CA DAB A 4 -3.68 -2.11 1.92
C DAB A 4 -4.68 -2.87 1.05
O DAB A 4 -5.78 -2.36 0.90
CB DAB A 4 -4.32 -1.82 3.28
CG DAB A 4 -3.36 -2.00 4.44
ND DAB A 4 -3.76 -1.08 5.56
H DAB A 4 -4.10 -0.44 0.69
HA DAB A 4 -2.76 -2.70 2.04
HB2 DAB A 4 -4.72 -0.79 3.29
HB3 DAB A 4 -5.19 -2.48 3.43
HG2 DAB A 4 -3.38 -3.01 4.85
HG3 DAB A 4 -2.33 -1.71 4.19
HD1 DAB A 4 -4.62 -0.57 5.34
HD2 DAB A 4 -3.02 -0.40 5.77
HD3 DAB A 4 -3.93 -1.63 6.42
N ORN A 5 -4.31 -4.09 0.52
CA ORN A 5 -5.23 -4.90 -0.29
CB ORN A 5 -5.09 -4.54 -1.78
CG ORN A 5 -6.44 -4.33 -2.48
CD ORN A 5 -6.34 -4.71 -3.95
NE ORN A 5 -5.67 -3.62 -4.69
C ORN A 5 -4.85 -6.35 -0.04
O ORN A 5 -4.09 -6.95 -0.80
H ORN A 5 -3.38 -4.46 0.67
HA ORN A 5 -6.25 -4.70 0.06
HB2 ORN A 5 -4.50 -3.62 -1.87
HB3 ORN A 5 -4.53 -5.33 -2.30
HG2 ORN A 5 -7.21 -4.93 -1.99
HG3 ORN A 5 -6.74 -3.28 -2.38
HD2 ORN A 5 -5.75 -5.62 -4.10
HD3 ORN A 5 -7.33 -4.84 -4.40
HE1 ORN A 5 -6.12 -2.71 -4.53
HE2 ORN A 5 -5.66 -3.80 -5.71
HE3 ORN A 5 -4.69 -3.54 -4.40
N DLY A 6 -5.43 -6.90 1.03
CA DLY A 6 -5.18 -8.28 1.39
C DLY A 6 -3.74 -8.44 1.89
O DLY A 6 -3.31 -7.71 2.77
CB DLY A 6 -6.23 -8.78 2.38
CG DLY A 6 -7.48 -9.30 1.66
CD DLY A 6 -8.57 -9.69 2.65
CE DLY A 6 -9.64 -10.56 1.98
NZ DLY A 6 -9.67 -11.91 2.59
H DLY A 6 -6.04 -6.41 1.64
HA DLY A 6 -5.29 -8.88 0.48
HB2 DLY A 6 -6.52 -7.96 3.04
HB3 DLY A 6 -5.81 -9.56 3.01
HG2 DLY A 6 -7.21 -10.16 1.06
HG3 DLY A 6 -7.86 -8.54 0.98
HD2 DLY A 6 -9.02 -8.80 3.07
HD3 DLY A 6 -8.13 -10.24 3.49
HE2 DLY A 6 -9.43 -10.64 0.92
HE3 DLY A 6 -10.61 -10.08 2.09
HZ1 DLY A 6 -10.29 -12.49 2.07
HZ2 DLY A 6 -9.98 -11.84 3.54
HZ3 DLY A 6 -8.75 -12.31 2.57
N ARG A 7 -3.05 -9.39 1.29
CA ARG A 7 -1.66 -9.65 1.67
C ARG A 7 -0.73 -8.69 0.93
N TRP A 8 -1.33 -7.70 0.28
CA TRP A 8 -0.56 -6.72 -0.46
C TRP A 8 -0.75 -5.35 0.22
N ORN A 9 0.27 -4.45 0.01
CA ORN A 9 0.25 -3.11 0.58
CB ORN A 9 1.03 -3.08 1.89
CG ORN A 9 2.21 -4.04 1.92
CD ORN A 9 2.16 -4.93 3.16
NE ORN A 9 2.75 -6.25 2.84
C ORN A 9 0.90 -2.19 -0.47
O ORN A 9 0.28 -1.30 -1.04
H ORN A 9 1.07 -4.71 -0.57
HA ORN A 9 -0.80 -2.82 0.73
HB2 ORN A 9 1.40 -2.06 2.07
HB3 ORN A 9 0.35 -3.31 2.73
HG2 ORN A 9 2.22 -4.67 1.03
HG3 ORN A 9 3.15 -3.47 1.91
HD2 ORN A 9 2.75 -4.51 3.99
HD3 ORN A 9 1.14 -5.12 3.49
HE1 ORN A 9 3.57 -6.46 3.45
HE2 ORN A 9 3.08 -6.30 1.86
HE3 ORN A 9 2.07 -7.00 2.99
N DAB A 10 2.23 -2.46 -0.71
CA DAB A 10 3.02 -1.74 -1.69
C DAB A 10 3.03 -0.27 -1.25
O DAB A 10 2.14 0.07 -0.46
CB DAB A 10 2.42 -1.83 -3.11
CG DAB A 10 3.16 -0.98 -4.13
ND DAB A 10 4.59 -1.43 -4.19
H DAB A 10 2.70 -3.21 -0.20
HA DAB A 10 4.04 -2.15 -1.68
HB2 DAB A 10 2.41 -2.87 -3.44
HB3 DAB A 10 1.37 -1.51 -3.07
HG2 DAB A 10 2.76 -1.08 -5.13
HG3 DAB A 10 3.20 0.08 -3.84
HD1 DAB A 10 4.78 -2.18 -3.53
HD2 DAB A 10 5.24 -0.66 -4.00
HD3 DAB A 10 4.80 -1.78 -5.13
N ALA A 11 3.94 0.55 -1.75
CA ALA A 11 3.95 1.96 -1.39
C ALA A 11 3.44 2.78 -2.57
N LYS A 12 3.04 4.01 -2.26
CA LYS A 12 2.51 4.91 -3.28
C LYS A 12 2.52 6.34 -2.74
N DPR A 13 3.59 7.09 -3.11
CA DPR A 13 3.68 8.56 -2.82
CB DPR A 13 4.93 8.93 -3.65
CG DPR A 13 5.82 7.68 -3.60
CD DPR A 13 4.84 6.51 -3.65
C DPR A 13 3.74 8.93 -1.30
O DPR A 13 4.76 8.78 -0.63
HA DPR A 13 2.81 9.10 -3.26
HB2 DPR A 13 5.44 9.83 -3.27
HB3 DPR A 13 4.64 9.14 -4.69
HG2 DPR A 13 6.57 7.66 -4.40
HG3 DPR A 13 6.38 7.67 -2.63
HD2 DPR A 13 5.20 5.66 -3.05
HD3 DPR A 13 4.70 6.17 -4.68
N PRO A 14 2.62 9.46 -0.77
CA PRO A 14 2.60 10.04 0.60
C PRO A 14 2.57 9.04 1.81
N THR A 1 2.00 7.74 1.44
CA THR A 1 0.92 6.83 1.77
C THR A 1 1.32 5.38 1.47
N TRP A 2 0.35 4.49 1.63
CA TRP A 2 0.60 3.08 1.39
C TRP A 2 -0.75 2.42 1.07
N LEU A 3 -0.68 1.39 0.24
CA LEU A 3 -1.88 0.66 -0.15
C LEU A 3 -2.03 -0.58 0.73
N DAB A 4 -3.31 -0.85 1.13
CA DAB A 4 -3.67 -2.01 1.96
C DAB A 4 -4.69 -2.81 1.13
O DAB A 4 -5.82 -2.34 1.04
CB DAB A 4 -4.30 -1.60 3.29
CG DAB A 4 -3.28 -1.48 4.41
ND DAB A 4 -3.76 -2.28 5.59
H DAB A 4 -4.08 -0.24 0.85
HA DAB A 4 -2.75 -2.60 2.12
HB2 DAB A 4 -4.83 -0.65 3.18
HB3 DAB A 4 -5.06 -2.35 3.57
HG2 DAB A 4 -2.31 -1.90 4.14
HG3 DAB A 4 -3.18 -0.46 4.78
HD1 DAB A 4 -4.77 -2.37 5.60
HD2 DAB A 4 -3.47 -1.84 6.48
HD3 DAB A 4 -3.37 -3.22 5.56
N ORN A 5 -4.31 -4.01 0.60
CA ORN A 5 -5.24 -4.86 -0.15
CB ORN A 5 -5.09 -4.61 -1.66
CG ORN A 5 -6.41 -4.65 -2.41
CD ORN A 5 -6.50 -3.50 -3.42
NE ORN A 5 -5.90 -3.94 -4.71
C ORN A 5 -4.89 -6.31 0.20
O ORN A 5 -4.16 -6.98 -0.52
H ORN A 5 -3.36 -4.35 0.71
HA ORN A 5 -6.26 -4.62 0.18
HB2 ORN A 5 -4.62 -3.63 -1.83
HB3 ORN A 5 -4.41 -5.36 -2.10
HG2 ORN A 5 -6.53 -5.61 -2.94
HG3 ORN A 5 -7.25 -4.57 -1.70
HD2 ORN A 5 -7.54 -3.21 -3.63
HD3 ORN A 5 -5.93 -2.63 -3.09
HE1 ORN A 5 -5.16 -3.30 -5.01
HE2 ORN A 5 -6.61 -3.99 -5.46
HE3 ORN A 5 -5.48 -4.87 -4.62
N DLY A 6 -5.45 -6.75 1.31
CA DLY A 6 -5.24 -8.12 1.77
C DLY A 6 -3.79 -8.26 2.27
O DLY A 6 -3.31 -7.42 3.04
CB DLY A 6 -6.28 -8.51 2.81
CG DLY A 6 -7.16 -9.66 2.30
CD DLY A 6 -8.61 -9.48 2.76
CE DLY A 6 -9.37 -10.81 2.71
NZ DLY A 6 -10.80 -10.60 2.96
H DLY A 6 -6.04 -6.20 1.90
HA DLY A 6 -5.37 -8.78 0.92
HB2 DLY A 6 -6.90 -7.65 3.05
HB3 DLY A 6 -5.79 -8.81 3.73
HG2 DLY A 6 -6.78 -10.61 2.66
HG3 DLY A 6 -7.13 -9.69 1.21
HD2 DLY A 6 -9.11 -8.76 2.12
HD3 DLY A 6 -8.63 -9.07 3.77
HE2 DLY A 6 -8.96 -11.49 3.46
HE3 DLY A 6 -9.21 -11.29 1.75
HZ1 DLY A 6 -11.27 -10.39 2.10
HZ2 DLY A 6 -10.92 -9.83 3.59
HZ3 DLY A 6 -11.20 -11.42 3.36
N ARG A 7 -3.14 -9.32 1.81
CA ARG A 7 -1.77 -9.58 2.20
C ARG A 7 -0.81 -8.81 1.30
N TRP A 8 -1.37 -7.87 0.54
CA TRP A 8 -0.58 -7.06 -0.36
C TRP A 8 -0.53 -5.64 0.20
N ORN A 9 0.42 -4.82 -0.35
CA ORN A 9 0.61 -3.44 0.06
CB ORN A 9 0.80 -3.36 1.58
CG ORN A 9 2.09 -4.02 2.07
CD ORN A 9 1.83 -4.88 3.29
NE ORN A 9 2.09 -6.30 2.97
C ORN A 9 1.85 -2.92 -0.67
O ORN A 9 2.98 -3.27 -0.36
H ORN A 9 1.05 -5.18 -1.08
HA ORN A 9 -0.28 -2.88 -0.25
HB2 ORN A 9 0.81 -2.30 1.90
HB3 ORN A 9 -0.06 -3.81 2.10
HG2 ORN A 9 2.52 -4.64 1.28
HG3 ORN A 9 2.84 -3.25 2.31
HD2 ORN A 9 2.49 -4.62 4.13
HD3 ORN A 9 0.79 -4.82 3.62
HE1 ORN A 9 1.27 -6.76 2.57
HE2 ORN A 9 2.39 -6.83 3.79
HE3 ORN A 9 2.85 -6.38 2.27
N DAB A 10 1.58 -2.02 -1.68
CA DAB A 10 2.63 -1.37 -2.46
C DAB A 10 2.71 0.07 -1.94
O DAB A 10 1.64 0.62 -1.66
CB DAB A 10 2.29 -1.34 -3.96
CG DAB A 10 0.99 -0.60 -4.27
ND DAB A 10 1.33 0.78 -4.73
H DAB A 10 0.62 -1.76 -1.89
HA DAB A 10 3.56 -1.90 -2.28
HB2 DAB A 10 3.11 -0.88 -4.52
HB3 DAB A 10 2.21 -2.37 -4.34
HG2 DAB A 10 0.43 -1.07 -5.07
HG3 DAB A 10 0.37 -0.47 -3.39
HD1 DAB A 10 2.10 1.20 -4.19
HD2 DAB A 10 0.51 1.41 -4.64
HD3 DAB A 10 1.60 0.78 -5.71
N ALA A 11 3.90 0.66 -1.85
CA ALA A 11 4.02 2.03 -1.41
C ALA A 11 3.70 2.97 -2.58
N LYS A 12 3.23 4.15 -2.22
CA LYS A 12 2.88 5.14 -3.23
C LYS A 12 2.90 6.54 -2.59
N DPR A 13 4.08 7.21 -2.71
CA DPR A 13 4.23 8.64 -2.31
CB DPR A 13 5.67 8.91 -2.77
CG DPR A 13 6.40 7.58 -2.60
CD DPR A 13 5.36 6.52 -2.98
C DPR A 13 3.95 8.93 -0.79
O DPR A 13 4.76 8.65 0.09
HA DPR A 13 3.55 9.28 -2.91
HB2 DPR A 13 6.16 9.74 -2.23
HB3 DPR A 13 5.68 9.20 -3.84
HG2 DPR A 13 7.33 7.50 -3.21
HG3 DPR A 13 6.70 7.45 -1.54
HD2 DPR A 13 5.48 5.60 -2.37
HD3 DPR A 13 5.45 6.25 -4.04
N PRO A 14 2.78 9.54 -0.50
CA PRO A 14 2.47 10.05 0.86
C PRO A 14 2.07 8.99 1.95
N THR A 1 1.85 7.44 1.55
CA THR A 1 0.77 6.50 1.76
C THR A 1 1.20 5.08 1.37
N TRP A 2 0.24 4.18 1.43
CA TRP A 2 0.50 2.78 1.09
C TRP A 2 -0.81 2.16 0.61
N LEU A 3 -0.70 1.35 -0.43
CA LEU A 3 -1.87 0.68 -0.99
C LEU A 3 -1.98 -0.72 -0.41
N DAB A 4 -2.34 -0.77 0.92
CA DAB A 4 -2.52 -2.02 1.65
C DAB A 4 -3.88 -2.58 1.19
O DAB A 4 -4.88 -1.89 1.40
CB DAB A 4 -2.57 -1.81 3.17
CG DAB A 4 -1.19 -1.78 3.80
ND DAB A 4 -1.27 -2.32 5.18
H DAB A 4 -2.51 0.09 1.44
HA DAB A 4 -1.72 -2.71 1.38
HB2 DAB A 4 -3.09 -0.88 3.40
HB3 DAB A 4 -3.16 -2.61 3.64
HG2 DAB A 4 -0.47 -2.42 3.26
HG3 DAB A 4 -0.79 -0.76 3.90
HD1 DAB A 4 -2.08 -2.94 5.31
HD2 DAB A 4 -1.35 -1.55 5.88
HD3 DAB A 4 -0.43 -2.85 5.42
N ORN A 5 -3.93 -3.83 0.60
CA ORN A 5 -5.18 -4.45 0.18
CB ORN A 5 -5.45 -4.14 -1.29
CG ORN A 5 -6.90 -3.72 -1.57
CD ORN A 5 -7.05 -3.23 -3.00
NE ORN A 5 -8.12 -2.19 -3.05
C ORN A 5 -5.00 -5.96 0.40
O ORN A 5 -4.57 -6.68 -0.48
H ORN A 5 -3.06 -4.36 0.46
HA ORN A 5 -5.98 -4.06 0.82
HB2 ORN A 5 -4.78 -3.34 -1.63
HB3 ORN A 5 -5.21 -5.02 -1.91
HG2 ORN A 5 -7.57 -4.56 -1.40
HG3 ORN A 5 -7.19 -2.93 -0.86
HD2 ORN A 5 -6.14 -2.75 -3.37
HD3 ORN A 5 -7.35 -4.02 -3.68
HE1 ORN A 5 -8.28 -1.85 -4.00
HE2 ORN A 5 -7.89 -1.38 -2.46
HE3 ORN A 5 -9.01 -2.57 -2.71
N DLY A 6 -5.39 -6.38 1.60
CA DLY A 6 -5.32 -7.79 1.95
C DLY A 6 -3.90 -8.11 2.44
O DLY A 6 -3.33 -7.37 3.24
CB DLY A 6 -6.40 -8.14 2.97
CG DLY A 6 -7.45 -9.08 2.35
CD DLY A 6 -8.85 -8.78 2.90
CE DLY A 6 -9.90 -8.82 1.78
NZ DLY A 6 -11.14 -9.45 2.27
H DLY A 6 -5.75 -5.78 2.32
HA DLY A 6 -5.52 -8.37 1.05
HB2 DLY A 6 -6.89 -7.24 3.32
HB3 DLY A 6 -5.96 -8.62 3.84
HG2 DLY A 6 -7.19 -10.11 2.55
HG3 DLY A 6 -7.45 -8.95 1.26
HD2 DLY A 6 -8.85 -7.80 3.37
HD3 DLY A 6 -9.10 -9.50 3.67
HE2 DLY A 6 -9.51 -9.39 0.93
HE3 DLY A 6 -10.10 -7.81 1.43
HZ1 DLY A 6 -11.93 -8.99 1.86
HZ2 DLY A 6 -11.19 -9.37 3.27
HZ3 DLY A 6 -11.15 -10.42 2.02
N ARG A 7 -3.38 -9.22 1.93
CA ARG A 7 -2.04 -9.65 2.31
C ARG A 7 -1.00 -8.94 1.43
N TRP A 8 -1.46 -7.94 0.70
CA TRP A 8 -0.58 -7.18 -0.17
C TRP A 8 -0.47 -5.76 0.39
N ORN A 9 0.41 -4.94 -0.28
CA ORN A 9 0.63 -3.55 0.12
CB ORN A 9 1.05 -3.48 1.60
CG ORN A 9 2.41 -4.13 1.88
CD ORN A 9 2.38 -4.86 3.21
NE ORN A 9 2.44 -6.32 2.99
C ORN A 9 1.75 -3.02 -0.79
O ORN A 9 2.84 -3.56 -0.86
H ORN A 9 0.93 -5.28 -1.08
HA ORN A 9 -0.29 -2.99 -0.05
HB2 ORN A 9 1.09 -2.43 1.91
HB3 ORN A 9 0.27 -3.96 2.23
HG2 ORN A 9 2.64 -4.84 1.08
HG3 ORN A 9 3.18 -3.37 1.88
HD2 ORN A 9 3.25 -4.60 3.83
HD3 ORN A 9 1.46 -4.66 3.78
HE1 ORN A 9 1.54 -6.68 2.63
HE2 ORN A 9 2.67 -6.83 3.85
HE3 ORN A 9 3.16 -6.55 2.29
N DAB A 10 1.42 -1.88 -1.49
CA DAB A 10 2.37 -1.17 -2.35
C DAB A 10 2.66 0.16 -1.66
O DAB A 10 1.86 0.54 -0.81
CB DAB A 10 1.77 -0.90 -3.74
CG DAB A 10 2.70 -1.31 -4.88
ND DAB A 10 2.45 -0.44 -6.05
H DAB A 10 0.49 -1.47 -1.39
HA DAB A 10 3.27 -1.78 -2.43
HB2 DAB A 10 0.81 -1.42 -3.85
HB3 DAB A 10 1.54 0.16 -3.84
HG2 DAB A 10 3.75 -1.18 -4.61
HG3 DAB A 10 2.51 -2.33 -5.22
HD1 DAB A 10 1.45 -0.19 -6.15
HD2 DAB A 10 2.76 -0.89 -6.93
HD3 DAB A 10 2.98 0.44 -5.97
N ALA A 11 3.72 0.85 -2.04
CA ALA A 11 4.02 2.15 -1.46
C ALA A 11 3.86 3.23 -2.53
N LYS A 12 2.99 4.18 -2.22
CA LYS A 12 2.72 5.28 -3.14
C LYS A 12 2.83 6.61 -2.39
N DPR A 13 3.98 7.30 -2.61
CA DPR A 13 4.19 8.69 -2.09
CB DPR A 13 5.66 8.92 -2.50
CG DPR A 13 6.32 7.54 -2.41
CD DPR A 13 5.24 6.57 -2.89
C DPR A 13 3.89 8.88 -0.56
O DPR A 13 4.71 8.63 0.31
HA DPR A 13 3.57 9.41 -2.65
HB2 DPR A 13 6.17 9.68 -1.88
HB3 DPR A 13 5.71 9.29 -3.55
HG2 DPR A 13 7.25 7.47 -2.99
HG3 DPR A 13 6.59 7.32 -1.36
HD2 DPR A 13 5.29 5.61 -2.35
HD3 DPR A 13 5.34 6.36 -3.97
N PRO A 14 2.66 9.37 -0.25
CA PRO A 14 2.30 9.79 1.13
C PRO A 14 1.89 8.66 2.14
#